data_5GYL
#
_entry.id   5GYL
#
_cell.length_a   97.370
_cell.length_b   100.610
_cell.length_c   131.124
_cell.angle_alpha   90.00
_cell.angle_beta   96.10
_cell.angle_gamma   90.00
#
_symmetry.space_group_name_H-M   'I 1 2 1'
#
loop_
_entity.id
_entity.type
_entity.pdbx_description
1 polymer 'legumin-like protein'
2 water water
#
_entity_poly.entity_id   1
_entity_poly.type   'polypeptide(L)'
_entity_poly.pdbx_seq_one_letter_code
;SLRDQPEQNECQLEHLNALEPDNRIKSEGGLIETWNPSNKQFRCAGVALSRATLQPNSLRRPFYTNAPQEIFIQQGNGYF
GMVFPGCVETFEEPRESEQGEGSKFRDSHQKVNRFREGDIIAVPTGVVFWMFNDQDTPVIAVSLIDTSSFQNQLDQMPRR
FYLAGNHEQEFLRYQQEGSEEEENEGGNIFSGFKRDFLEDALNVNRRIVNKLQGRNEDEEKGAIVKVKGGLSIITPPEKE
PRQKRGSRQEEDEDEDEKRQPHRHSRQDEDEDEKRQPRRHSRGGSKSQRDNGFEETICTARLHQNIGSSSSPDIYNPQAG
RIKTVTSFDLPALRFLKLSAEFGSLHKNAMFVPHYNLNANSILYALKGRARLQIVNCKGNSVFDGELEAGRALIVPQNFA
IAAKSLSDRFSYVAFKTNDRAAIGRLLGASSLINGMPEEVVAAAFNMERNEARQLKFNSPFSFLVPPRSDSDNKAAALE
;
_entity_poly.pdbx_strand_id   A,B,C
#
# COMPACT_ATOMS: atom_id res chain seq x y z
N ASN A 9 15.85 -7.17 11.23
CA ASN A 9 14.67 -7.65 10.50
C ASN A 9 13.62 -8.15 11.48
N GLU A 10 12.51 -7.40 11.56
CA GLU A 10 11.58 -7.55 12.68
C GLU A 10 11.01 -8.96 12.80
N CYS A 11 10.93 -9.72 11.71
CA CYS A 11 10.24 -11.00 11.73
C CYS A 11 11.18 -12.20 11.67
N GLN A 12 12.50 -11.99 11.73
CA GLN A 12 13.41 -13.12 11.92
C GLN A 12 13.37 -13.52 13.39
N LEU A 13 12.26 -14.15 13.76
CA LEU A 13 11.98 -14.52 15.15
C LEU A 13 12.37 -15.99 15.34
N GLU A 14 13.28 -16.24 16.28
CA GLU A 14 13.73 -17.59 16.56
C GLU A 14 13.01 -18.23 17.75
N HIS A 15 12.47 -17.44 18.66
CA HIS A 15 11.73 -17.97 19.80
C HIS A 15 10.60 -17.03 20.16
N LEU A 16 9.40 -17.58 20.33
CA LEU A 16 8.23 -16.81 20.73
C LEU A 16 7.84 -17.18 22.16
N ASN A 17 7.12 -16.27 22.79
CA ASN A 17 6.64 -16.45 24.16
C ASN A 17 5.17 -16.05 24.24
N ALA A 18 4.42 -16.79 25.05
CA ALA A 18 3.08 -16.37 25.41
C ALA A 18 3.18 -15.08 26.23
N LEU A 19 2.50 -14.04 25.77
CA LEU A 19 2.69 -12.69 26.30
C LEU A 19 1.52 -12.26 27.17
N GLU A 20 1.84 -11.53 28.22
CA GLU A 20 0.88 -10.87 29.09
C GLU A 20 1.01 -9.37 28.91
N PRO A 21 -0.01 -8.60 29.30
CA PRO A 21 0.14 -7.14 29.32
C PRO A 21 1.27 -6.74 30.28
N ASP A 22 2.01 -5.70 29.90
CA ASP A 22 3.09 -5.19 30.74
C ASP A 22 2.77 -3.83 31.35
N ASN A 23 1.53 -3.35 31.22
CA ASN A 23 1.14 -2.07 31.81
C ASN A 23 -0.33 -2.12 32.16
N ARG A 24 -0.67 -1.59 33.33
CA ARG A 24 -2.05 -1.54 33.80
C ARG A 24 -2.36 -0.10 34.19
N ILE A 25 -3.48 0.41 33.70
CA ILE A 25 -3.94 1.77 34.00
C ILE A 25 -5.32 1.65 34.63
N LYS A 26 -5.39 1.90 35.93
CA LYS A 26 -6.63 1.84 36.67
C LYS A 26 -7.34 3.20 36.62
N SER A 27 -8.64 3.16 36.35
CA SER A 27 -9.48 4.35 36.41
C SER A 27 -10.64 4.06 37.35
N GLU A 28 -11.40 5.10 37.68
CA GLU A 28 -12.46 4.95 38.68
C GLU A 28 -13.44 3.87 38.27
N GLY A 29 -13.73 3.75 36.98
CA GLY A 29 -14.75 2.84 36.50
C GLY A 29 -14.26 1.56 35.86
N GLY A 30 -12.95 1.32 35.80
CA GLY A 30 -12.48 0.09 35.20
C GLY A 30 -10.97 0.05 35.10
N LEU A 31 -10.51 -0.71 34.10
CA LEU A 31 -9.10 -1.06 33.94
C LEU A 31 -8.78 -1.16 32.45
N ILE A 32 -7.61 -0.67 32.07
CA ILE A 32 -7.09 -0.83 30.72
C ILE A 32 -5.69 -1.43 30.80
N GLU A 33 -5.48 -2.55 30.11
CA GLU A 33 -4.20 -3.24 30.07
C GLU A 33 -3.69 -3.23 28.64
N THR A 34 -2.40 -2.97 28.48
CA THR A 34 -1.77 -2.89 27.17
C THR A 34 -0.60 -3.88 27.08
N TRP A 35 -0.49 -4.54 25.94
CA TRP A 35 0.73 -5.26 25.62
C TRP A 35 1.74 -4.28 25.02
N ASN A 36 3.01 -4.55 25.29
CA ASN A 36 4.06 -3.64 24.83
C ASN A 36 4.14 -3.67 23.31
N PRO A 37 3.83 -2.58 22.61
CA PRO A 37 3.87 -2.61 21.14
C PRO A 37 5.28 -2.71 20.58
N SER A 38 6.31 -2.45 21.38
CA SER A 38 7.69 -2.56 20.92
C SER A 38 8.27 -3.96 21.11
N ASN A 39 7.53 -4.86 21.75
CA ASN A 39 7.95 -6.25 21.81
C ASN A 39 8.09 -6.82 20.40
N LYS A 40 9.09 -7.68 20.21
CA LYS A 40 9.46 -8.11 18.87
C LYS A 40 8.29 -8.74 18.13
N GLN A 41 7.44 -9.48 18.84
CA GLN A 41 6.31 -10.14 18.20
C GLN A 41 5.35 -9.11 17.62
N PHE A 42 5.01 -8.09 18.41
CA PHE A 42 4.05 -7.09 17.94
C PHE A 42 4.64 -6.20 16.86
N ARG A 43 5.95 -5.97 16.87
CA ARG A 43 6.55 -5.22 15.77
C ARG A 43 6.55 -6.04 14.49
N CYS A 44 6.79 -7.36 14.60
CA CYS A 44 6.67 -8.23 13.44
C CYS A 44 5.24 -8.22 12.91
N ALA A 45 4.27 -8.38 13.79
CA ALA A 45 2.87 -8.35 13.36
C ALA A 45 2.47 -6.97 12.87
N GLY A 46 3.04 -5.93 13.45
CA GLY A 46 2.69 -4.57 13.08
C GLY A 46 1.38 -4.10 13.68
N VAL A 47 1.12 -4.46 14.93
CA VAL A 47 -0.14 -4.16 15.58
C VAL A 47 0.12 -3.88 17.06
N ALA A 48 -0.92 -3.39 17.73
CA ALA A 48 -0.93 -3.23 19.17
C ALA A 48 -2.19 -3.89 19.72
N LEU A 49 -2.09 -4.35 20.96
CA LEU A 49 -3.17 -5.08 21.61
C LEU A 49 -3.42 -4.48 22.99
N SER A 50 -4.70 -4.31 23.34
CA SER A 50 -5.08 -3.81 24.64
C SER A 50 -6.34 -4.53 25.10
N ARG A 51 -6.55 -4.51 26.41
CA ARG A 51 -7.71 -5.17 27.03
C ARG A 51 -8.31 -4.20 28.03
N ALA A 52 -9.61 -3.91 27.87
CA ALA A 52 -10.32 -2.97 28.72
C ALA A 52 -11.38 -3.71 29.51
N THR A 53 -11.51 -3.36 30.79
CA THR A 53 -12.51 -3.95 31.67
C THR A 53 -13.40 -2.84 32.19
N LEU A 54 -14.70 -2.95 31.93
CA LEU A 54 -15.69 -1.95 32.32
C LEU A 54 -16.56 -2.53 33.43
N GLN A 55 -16.49 -1.93 34.61
CA GLN A 55 -17.34 -2.32 35.71
C GLN A 55 -18.79 -1.95 35.40
N PRO A 56 -19.74 -2.48 36.16
CA PRO A 56 -21.15 -2.10 35.96
C PRO A 56 -21.35 -0.59 35.97
N ASN A 57 -22.24 -0.12 35.11
CA ASN A 57 -22.56 1.30 35.00
C ASN A 57 -21.30 2.16 34.86
N SER A 58 -20.40 1.71 34.00
CA SER A 58 -19.19 2.47 33.69
C SER A 58 -19.14 2.77 32.20
N LEU A 59 -18.51 3.89 31.86
CA LEU A 59 -18.52 4.44 30.52
C LEU A 59 -17.08 4.59 30.04
N ARG A 60 -16.75 3.91 28.94
CA ARG A 60 -15.52 4.19 28.21
C ARG A 60 -15.73 5.46 27.42
N ARG A 61 -15.04 6.54 27.80
CA ARG A 61 -15.33 7.84 27.24
C ARG A 61 -14.86 7.92 25.79
N PRO A 62 -15.53 8.75 24.97
CA PRO A 62 -15.29 8.71 23.52
C PRO A 62 -13.86 9.06 23.13
N PHE A 63 -13.35 8.31 22.15
CA PHE A 63 -12.01 8.54 21.61
C PHE A 63 -11.99 8.06 20.16
N TYR A 64 -11.05 8.59 19.39
CA TYR A 64 -10.79 8.07 18.06
C TYR A 64 -9.30 7.74 17.94
N THR A 65 -9.01 6.83 17.01
CA THR A 65 -7.68 6.28 16.83
C THR A 65 -7.28 6.44 15.37
N ASN A 66 -5.97 6.65 15.14
CA ASN A 66 -5.44 6.88 13.80
C ASN A 66 -5.15 5.58 13.06
N ALA A 67 -5.89 4.52 13.34
CA ALA A 67 -5.70 3.23 12.69
C ALA A 67 -6.97 2.42 12.88
N PRO A 68 -7.22 1.44 12.02
CA PRO A 68 -8.41 0.59 12.18
C PRO A 68 -8.28 -0.35 13.36
N GLN A 69 -9.42 -0.67 13.98
CA GLN A 69 -9.45 -1.56 15.13
C GLN A 69 -10.49 -2.66 14.96
N GLU A 70 -10.21 -3.80 15.56
CA GLU A 70 -11.20 -4.84 15.83
C GLU A 70 -11.28 -5.03 17.33
N ILE A 71 -12.51 -5.03 17.86
CA ILE A 71 -12.75 -5.24 19.28
C ILE A 71 -13.54 -6.52 19.44
N PHE A 72 -13.04 -7.43 20.26
CA PHE A 72 -13.73 -8.66 20.61
C PHE A 72 -14.24 -8.57 22.04
N ILE A 73 -15.52 -8.85 22.22
CA ILE A 73 -16.16 -8.79 23.53
C ILE A 73 -15.91 -10.15 24.21
N GLN A 74 -14.87 -10.21 25.02
CA GLN A 74 -14.57 -11.45 25.75
C GLN A 74 -15.67 -11.78 26.74
N GLN A 75 -16.30 -10.76 27.33
CA GLN A 75 -17.25 -11.00 28.42
C GLN A 75 -18.16 -9.79 28.57
N GLY A 76 -19.43 -10.04 28.89
CA GLY A 76 -20.35 -9.01 29.27
C GLY A 76 -21.25 -8.55 28.14
N ASN A 77 -22.04 -7.52 28.45
CA ASN A 77 -23.06 -6.97 27.57
C ASN A 77 -23.17 -5.48 27.84
N GLY A 78 -23.60 -4.72 26.84
CA GLY A 78 -23.74 -3.29 26.99
C GLY A 78 -24.07 -2.62 25.68
N TYR A 79 -23.75 -1.33 25.60
CA TYR A 79 -24.02 -0.50 24.45
C TYR A 79 -22.73 0.13 23.95
N PHE A 80 -22.64 0.30 22.63
CA PHE A 80 -21.57 1.09 22.04
C PHE A 80 -22.15 2.04 21.01
N GLY A 81 -21.44 3.12 20.79
CA GLY A 81 -21.81 4.07 19.76
C GLY A 81 -20.61 4.48 18.95
N MET A 82 -20.73 4.39 17.64
CA MET A 82 -19.76 4.98 16.73
C MET A 82 -20.40 6.22 16.13
N VAL A 83 -19.67 7.32 16.14
CA VAL A 83 -20.18 8.62 15.75
C VAL A 83 -19.45 9.03 14.48
N PHE A 84 -20.17 9.11 13.39
CA PHE A 84 -19.54 9.28 12.10
C PHE A 84 -19.65 10.72 11.61
N PRO A 85 -18.64 11.21 10.88
CA PRO A 85 -18.80 12.49 10.20
C PRO A 85 -19.83 12.39 9.10
N GLY A 86 -20.52 13.50 8.85
CA GLY A 86 -21.45 13.55 7.73
C GLY A 86 -22.69 12.73 7.92
N CYS A 87 -23.04 12.39 9.15
CA CYS A 87 -24.22 11.59 9.46
C CYS A 87 -25.10 12.35 10.44
N VAL A 88 -26.41 12.27 10.19
CA VAL A 88 -27.39 12.96 11.02
C VAL A 88 -27.75 12.07 12.22
N GLU A 89 -28.33 12.69 13.24
CA GLU A 89 -28.87 11.96 14.37
C GLU A 89 -30.18 11.29 13.96
N THR A 90 -30.17 9.96 13.81
CA THR A 90 -31.36 9.21 13.41
C THR A 90 -32.17 8.71 14.60
N PHE A 91 -31.69 8.88 15.82
CA PHE A 91 -32.46 8.57 17.02
C PHE A 91 -32.98 9.88 17.60
N GLU A 92 -34.30 9.97 17.76
CA GLU A 92 -34.99 11.21 18.08
C GLU A 92 -36.04 10.91 19.13
N GLU A 93 -36.18 11.82 20.10
CA GLU A 93 -37.19 11.66 21.12
C GLU A 93 -37.89 12.99 21.37
N PRO A 94 -39.23 13.03 21.37
CA PRO A 94 -39.93 14.31 21.47
C PRO A 94 -39.71 15.01 22.80
N ARG A 95 -40.15 16.27 22.83
CA ARG A 95 -40.16 17.13 24.01
C ARG A 95 -38.87 17.95 24.07
N LYS A 104 -35.75 21.22 21.36
CA LYS A 104 -36.83 20.70 20.52
C LYS A 104 -37.00 19.20 20.71
N PHE A 105 -35.92 18.52 21.08
CA PHE A 105 -35.99 17.11 21.45
C PHE A 105 -35.59 16.99 22.92
N ARG A 106 -36.06 15.91 23.55
CA ARG A 106 -35.54 15.57 24.86
C ARG A 106 -34.16 14.93 24.76
N ASP A 107 -33.92 14.16 23.69
CA ASP A 107 -32.63 13.55 23.47
C ASP A 107 -32.51 13.26 21.97
N SER A 108 -31.27 13.21 21.49
CA SER A 108 -31.01 13.06 20.06
C SER A 108 -29.57 12.61 19.86
N HIS A 109 -29.36 11.59 19.02
CA HIS A 109 -28.00 11.11 18.76
C HIS A 109 -28.00 10.16 17.58
N GLN A 110 -26.79 9.77 17.18
CA GLN A 110 -26.63 8.77 16.14
C GLN A 110 -26.97 7.39 16.68
N LYS A 111 -27.20 6.47 15.74
CA LYS A 111 -27.55 5.10 16.06
C LYS A 111 -26.61 4.51 17.11
N VAL A 112 -27.19 3.80 18.08
CA VAL A 112 -26.43 3.06 19.08
C VAL A 112 -26.77 1.58 18.94
N ASN A 113 -25.83 0.75 19.39
CA ASN A 113 -25.91 -0.69 19.19
C ASN A 113 -25.70 -1.42 20.50
N ARG A 114 -26.44 -2.51 20.69
CA ARG A 114 -26.10 -3.48 21.73
C ARG A 114 -24.94 -4.35 21.28
N PHE A 115 -24.06 -4.67 22.22
CA PHE A 115 -23.02 -5.67 22.00
C PHE A 115 -23.14 -6.75 23.06
N ARG A 116 -22.68 -7.96 22.72
CA ARG A 116 -22.72 -9.07 23.64
C ARG A 116 -21.47 -9.92 23.46
N GLU A 117 -21.29 -10.85 24.39
CA GLU A 117 -20.13 -11.73 24.37
C GLU A 117 -20.03 -12.44 23.03
N GLY A 118 -18.85 -12.39 22.42
CA GLY A 118 -18.61 -13.00 21.13
C GLY A 118 -18.68 -12.06 19.95
N ASP A 119 -19.05 -10.80 20.16
CA ASP A 119 -19.12 -9.83 19.07
C ASP A 119 -17.73 -9.34 18.70
N ILE A 120 -17.50 -9.23 17.39
CA ILE A 120 -16.39 -8.44 16.85
C ILE A 120 -16.96 -7.10 16.42
N ILE A 121 -16.31 -6.02 16.85
CA ILE A 121 -16.69 -4.66 16.48
C ILE A 121 -15.58 -4.08 15.61
N ALA A 122 -15.95 -3.55 14.45
CA ALA A 122 -15.01 -2.92 13.54
C ALA A 122 -15.10 -1.40 13.73
N VAL A 123 -14.00 -0.79 14.12
CA VAL A 123 -13.92 0.66 14.31
C VAL A 123 -13.05 1.22 13.18
N PRO A 124 -13.62 1.90 12.20
CA PRO A 124 -12.78 2.46 11.14
C PRO A 124 -11.85 3.54 11.66
N THR A 125 -10.77 3.74 10.90
CA THR A 125 -9.75 4.73 11.23
C THR A 125 -10.38 6.10 11.46
N GLY A 126 -10.07 6.71 12.60
CA GLY A 126 -10.46 8.08 12.86
C GLY A 126 -11.87 8.26 13.38
N VAL A 127 -12.65 7.19 13.51
CA VAL A 127 -14.04 7.27 13.93
C VAL A 127 -14.12 7.29 15.45
N VAL A 128 -14.98 8.18 15.97
CA VAL A 128 -15.18 8.27 17.42
C VAL A 128 -15.95 7.06 17.89
N PHE A 129 -15.54 6.53 19.04
CA PHE A 129 -16.12 5.32 19.60
C PHE A 129 -16.29 5.49 21.11
N TRP A 130 -17.45 5.09 21.63
CA TRP A 130 -17.65 5.01 23.07
C TRP A 130 -18.41 3.73 23.40
N MET A 131 -18.34 3.35 24.68
CA MET A 131 -18.85 2.06 25.14
C MET A 131 -19.35 2.20 26.56
N PHE A 132 -20.47 1.54 26.85
CA PHE A 132 -21.11 1.64 28.15
C PHE A 132 -21.57 0.27 28.62
N ASN A 133 -21.18 -0.11 29.84
CA ASN A 133 -21.65 -1.34 30.46
C ASN A 133 -22.88 -1.03 31.29
N ASP A 134 -24.02 -1.60 30.91
CA ASP A 134 -25.29 -1.29 31.57
C ASP A 134 -25.77 -2.43 32.46
N GLN A 135 -24.89 -3.39 32.77
CA GLN A 135 -25.28 -4.64 33.43
C GLN A 135 -24.45 -4.82 34.68
N ASP A 136 -24.81 -5.83 35.48
CA ASP A 136 -24.12 -6.12 36.73
C ASP A 136 -22.81 -6.88 36.53
N THR A 137 -22.53 -7.36 35.33
CA THR A 137 -21.32 -8.12 35.06
C THR A 137 -20.26 -7.24 34.41
N PRO A 138 -18.99 -7.38 34.73
CA PRO A 138 -17.96 -6.60 34.04
C PRO A 138 -17.88 -6.97 32.56
N VAL A 139 -17.67 -5.95 31.73
CA VAL A 139 -17.38 -6.14 30.32
C VAL A 139 -15.87 -6.23 30.16
N ILE A 140 -15.40 -7.22 29.42
CA ILE A 140 -14.00 -7.33 29.04
C ILE A 140 -13.94 -7.28 27.52
N ALA A 141 -13.22 -6.29 27.00
CA ALA A 141 -13.10 -6.07 25.56
C ALA A 141 -11.62 -6.05 25.19
N VAL A 142 -11.27 -6.90 24.23
CA VAL A 142 -9.91 -6.98 23.70
C VAL A 142 -9.90 -6.32 22.33
N SER A 143 -9.05 -5.30 22.16
CA SER A 143 -9.01 -4.53 20.93
C SER A 143 -7.64 -4.67 20.27
N LEU A 144 -7.65 -4.86 18.95
CA LEU A 144 -6.46 -4.96 18.13
C LEU A 144 -6.36 -3.70 17.28
N ILE A 145 -5.21 -3.02 17.35
CA ILE A 145 -4.97 -1.79 16.62
C ILE A 145 -3.91 -2.08 15.56
N ASP A 146 -4.26 -1.88 14.29
CA ASP A 146 -3.34 -2.15 13.19
C ASP A 146 -2.56 -0.88 12.87
N THR A 147 -1.54 -0.64 13.69
CA THR A 147 -0.74 0.57 13.57
C THR A 147 0.05 0.64 12.27
N SER A 148 0.32 -0.49 11.63
CA SER A 148 1.03 -0.49 10.35
C SER A 148 0.09 -0.45 9.16
N SER A 149 -1.21 -0.27 9.40
CA SER A 149 -2.15 -0.08 8.30
C SER A 149 -1.74 1.13 7.46
N PHE A 150 -1.98 1.03 6.15
CA PHE A 150 -1.67 2.15 5.28
C PHE A 150 -2.64 3.31 5.48
N GLN A 151 -3.72 3.11 6.24
CA GLN A 151 -4.57 4.22 6.66
C GLN A 151 -3.98 5.00 7.81
N ASN A 152 -2.97 4.47 8.49
CA ASN A 152 -2.24 5.22 9.52
C ASN A 152 -1.16 6.02 8.81
N GLN A 153 -1.42 7.30 8.61
CA GLN A 153 -0.48 8.17 7.90
C GLN A 153 0.43 8.92 8.86
N LEU A 154 0.42 8.58 10.15
CA LEU A 154 1.34 9.17 11.11
C LEU A 154 2.55 8.26 11.29
N ASP A 155 2.69 7.62 12.44
CA ASP A 155 3.79 6.70 12.70
C ASP A 155 3.24 5.52 13.50
N GLN A 156 4.13 4.61 13.89
CA GLN A 156 3.71 3.34 14.43
C GLN A 156 3.29 3.40 15.89
N MET A 157 3.46 4.54 16.54
CA MET A 157 3.03 4.67 17.94
C MET A 157 1.52 4.67 18.01
N PRO A 158 0.89 3.77 18.77
CA PRO A 158 -0.58 3.84 18.91
C PRO A 158 -0.97 5.09 19.68
N ARG A 159 -1.98 5.79 19.17
CA ARG A 159 -2.45 7.03 19.76
C ARG A 159 -3.95 6.91 20.04
N ARG A 160 -4.38 7.51 21.14
CA ARG A 160 -5.79 7.74 21.41
C ARG A 160 -6.04 9.24 21.42
N PHE A 161 -7.06 9.67 20.70
CA PHE A 161 -7.52 11.06 20.74
C PHE A 161 -8.82 11.08 21.53
N TYR A 162 -8.72 11.50 22.79
CA TYR A 162 -9.86 11.50 23.71
C TYR A 162 -10.63 12.81 23.58
N LEU A 163 -11.95 12.71 23.47
CA LEU A 163 -12.79 13.89 23.44
C LEU A 163 -13.13 14.42 24.83
N ALA A 164 -12.86 13.63 25.88
CA ALA A 164 -13.21 14.02 27.24
C ALA A 164 -12.17 13.49 28.20
N GLY A 165 -12.11 14.10 29.38
CA GLY A 165 -11.24 13.64 30.44
C GLY A 165 -9.94 14.40 30.48
N ASN A 166 -9.06 13.93 31.37
CA ASN A 166 -7.82 14.63 31.67
C ASN A 166 -6.79 13.61 32.13
N HIS A 167 -6.57 12.58 31.32
CA HIS A 167 -5.71 11.46 31.69
C HIS A 167 -4.69 11.23 30.58
N GLU A 168 -3.73 10.36 30.86
CA GLU A 168 -2.61 10.16 29.96
C GLU A 168 -2.98 9.18 28.84
N GLN A 169 -2.02 8.92 27.96
CA GLN A 169 -2.20 7.94 26.90
C GLN A 169 -2.09 6.52 27.46
N GLU A 170 -2.87 5.61 26.86
CA GLU A 170 -2.87 4.21 27.29
C GLU A 170 -1.50 3.55 27.10
N PHE A 171 -0.82 3.87 26.00
CA PHE A 171 0.46 3.25 25.68
C PHE A 171 1.64 4.14 26.03
N GLY A 186 -1.48 14.28 30.34
CA GLY A 186 -2.30 14.20 29.14
C GLY A 186 -3.36 15.29 29.07
N GLY A 187 -4.56 14.91 28.65
CA GLY A 187 -5.62 15.87 28.40
C GLY A 187 -6.47 15.46 27.20
N ASN A 188 -7.62 16.09 27.03
CA ASN A 188 -8.51 15.74 25.92
C ASN A 188 -8.28 16.69 24.75
N ILE A 189 -8.97 16.42 23.65
CA ILE A 189 -8.67 17.13 22.40
C ILE A 189 -9.01 18.62 22.53
N PHE A 190 -9.95 18.98 23.41
CA PHE A 190 -10.39 20.36 23.52
C PHE A 190 -9.49 21.20 24.41
N SER A 191 -8.70 20.57 25.30
CA SER A 191 -7.91 21.33 26.26
C SER A 191 -6.74 22.07 25.61
N GLY A 192 -6.35 21.70 24.40
CA GLY A 192 -5.33 22.45 23.68
C GLY A 192 -5.79 23.73 23.00
N PHE A 193 -7.10 23.96 22.94
CA PHE A 193 -7.65 25.17 22.32
C PHE A 193 -7.86 26.27 23.37
N LYS A 194 -7.86 27.52 22.88
CA LYS A 194 -8.11 28.66 23.76
C LYS A 194 -9.55 28.62 24.25
N ARG A 195 -9.75 29.00 25.52
CA ARG A 195 -11.11 29.00 26.04
C ARG A 195 -11.95 30.07 25.34
N ASP A 196 -11.39 31.25 25.12
CA ASP A 196 -12.15 32.32 24.46
C ASP A 196 -12.56 31.92 23.05
N PHE A 197 -11.74 31.13 22.36
CA PHE A 197 -12.14 30.62 21.06
C PHE A 197 -13.34 29.68 21.20
N LEU A 198 -13.24 28.71 22.10
CA LEU A 198 -14.32 27.74 22.27
C LEU A 198 -15.60 28.42 22.72
N GLU A 199 -15.49 29.46 23.56
CA GLU A 199 -16.67 30.19 24.01
C GLU A 199 -17.39 30.85 22.83
N ASP A 200 -16.64 31.50 21.94
CA ASP A 200 -17.23 32.15 20.78
C ASP A 200 -17.82 31.13 19.81
N ALA A 201 -17.06 30.06 19.52
CA ALA A 201 -17.53 29.07 18.56
C ALA A 201 -18.80 28.38 19.06
N LEU A 202 -18.87 28.08 20.35
CA LEU A 202 -20.00 27.37 20.91
C LEU A 202 -21.11 28.29 21.42
N ASN A 203 -20.80 29.56 21.66
CA ASN A 203 -21.74 30.48 22.27
C ASN A 203 -22.21 29.96 23.64
N VAL A 204 -21.24 29.58 24.48
CA VAL A 204 -21.52 29.11 25.83
C VAL A 204 -20.59 29.84 26.79
N ASN A 205 -20.98 29.85 28.07
CA ASN A 205 -20.25 30.57 29.09
C ASN A 205 -18.96 29.83 29.46
N ARG A 206 -18.15 30.48 30.31
CA ARG A 206 -16.85 29.93 30.64
C ARG A 206 -16.97 28.63 31.41
N ARG A 207 -18.00 28.50 32.25
CA ARG A 207 -18.11 27.31 33.08
C ARG A 207 -18.27 26.06 32.23
N ILE A 208 -19.03 26.14 31.13
CA ILE A 208 -19.22 24.98 30.28
C ILE A 208 -17.93 24.64 29.55
N VAL A 209 -17.18 25.64 29.10
CA VAL A 209 -15.94 25.37 28.38
C VAL A 209 -14.90 24.76 29.30
N ASN A 210 -14.88 25.15 30.58
CA ASN A 210 -13.93 24.57 31.52
C ASN A 210 -14.22 23.09 31.74
N LYS A 211 -15.49 22.72 31.81
CA LYS A 211 -15.84 21.30 31.90
C LYS A 211 -15.47 20.58 30.61
N LEU A 212 -15.83 21.16 29.46
CA LEU A 212 -15.44 20.59 28.18
C LEU A 212 -13.96 20.25 28.14
N GLN A 213 -13.12 21.18 28.59
CA GLN A 213 -11.68 20.99 28.59
C GLN A 213 -11.18 20.12 29.74
N GLY A 214 -12.02 19.83 30.71
CA GLY A 214 -11.60 18.98 31.83
C GLY A 214 -10.57 19.62 32.73
N ARG A 215 -10.74 20.91 33.04
CA ARG A 215 -9.77 21.59 33.91
C ARG A 215 -9.88 21.09 35.35
N ASN A 216 -11.10 21.02 35.87
CA ASN A 216 -11.32 20.69 37.27
C ASN A 216 -11.32 19.20 37.56
N GLU A 217 -11.08 18.35 36.55
CA GLU A 217 -11.22 16.92 36.71
C GLU A 217 -10.03 16.34 37.46
N ASP A 218 -10.30 15.49 38.44
CA ASP A 218 -9.26 14.70 39.06
C ASP A 218 -8.57 13.84 38.00
N GLU A 219 -7.24 13.81 38.05
CA GLU A 219 -6.48 13.07 37.04
C GLU A 219 -6.70 11.57 37.12
N GLU A 220 -7.24 11.08 38.23
CA GLU A 220 -7.42 9.66 38.45
C GLU A 220 -8.76 9.14 37.93
N LYS A 221 -9.66 10.03 37.49
CA LYS A 221 -10.94 9.59 36.96
C LYS A 221 -10.74 8.72 35.72
N GLY A 222 -9.92 9.16 34.76
CA GLY A 222 -9.42 8.30 33.72
C GLY A 222 -10.34 8.09 32.53
N ALA A 223 -9.98 7.06 31.74
CA ALA A 223 -10.65 6.80 30.48
C ALA A 223 -11.99 6.11 30.67
N ILE A 224 -12.14 5.30 31.73
CA ILE A 224 -13.38 4.63 32.06
C ILE A 224 -13.89 5.22 33.37
N VAL A 225 -15.10 5.80 33.33
CA VAL A 225 -15.63 6.54 34.47
C VAL A 225 -16.91 5.87 34.97
N LYS A 226 -17.21 6.10 36.24
CA LYS A 226 -18.47 5.69 36.83
C LYS A 226 -19.59 6.63 36.42
N VAL A 227 -20.79 6.06 36.28
CA VAL A 227 -22.00 6.85 36.05
C VAL A 227 -23.03 6.40 37.08
N LYS A 228 -23.27 7.25 38.08
CA LYS A 228 -23.99 6.84 39.27
C LYS A 228 -25.37 6.27 38.92
N GLY A 229 -26.25 7.11 38.38
CA GLY A 229 -27.62 6.72 38.15
C GLY A 229 -27.82 5.78 36.97
N GLY A 230 -26.74 5.27 36.40
CA GLY A 230 -26.85 4.61 35.12
C GLY A 230 -27.08 5.65 34.04
N LEU A 231 -27.48 5.17 32.87
CA LEU A 231 -27.63 6.04 31.70
C LEU A 231 -28.92 5.69 30.96
N SER A 232 -29.66 6.72 30.59
CA SER A 232 -30.81 6.61 29.72
C SER A 232 -30.43 7.18 28.35
N ILE A 233 -30.42 6.31 27.34
CA ILE A 233 -30.21 6.72 25.96
C ILE A 233 -31.39 6.20 25.14
N ILE A 234 -31.51 6.70 23.92
CA ILE A 234 -32.56 6.26 23.02
C ILE A 234 -32.16 4.90 22.45
N THR A 235 -32.93 3.86 22.80
CA THR A 235 -32.74 2.54 22.23
C THR A 235 -33.98 1.72 22.55
N PRO A 236 -34.36 0.78 21.69
CA PRO A 236 -35.66 0.10 21.88
C PRO A 236 -35.64 -0.82 23.09
N PRO A 237 -36.81 -1.15 23.65
CA PRO A 237 -36.89 -2.17 24.70
C PRO A 237 -36.52 -3.56 24.18
N ILE A 297 -22.77 3.42 4.12
CA ILE A 297 -23.64 4.45 4.65
C ILE A 297 -23.49 4.55 6.17
N CYS A 298 -24.23 5.50 6.74
CA CYS A 298 -24.06 5.84 8.14
C CYS A 298 -24.47 4.71 9.07
N THR A 299 -25.51 3.97 8.71
CA THR A 299 -26.10 2.95 9.57
C THR A 299 -25.62 1.54 9.21
N ALA A 300 -24.61 1.42 8.36
CA ALA A 300 -24.09 0.11 7.97
C ALA A 300 -23.70 -0.72 9.19
N ARG A 301 -23.70 -2.04 9.02
CA ARG A 301 -23.42 -2.94 10.13
C ARG A 301 -21.92 -2.99 10.38
N LEU A 302 -21.54 -2.87 11.63
CA LEU A 302 -20.13 -2.83 11.99
C LEU A 302 -19.75 -3.90 13.02
N HIS A 303 -20.68 -4.78 13.38
CA HIS A 303 -20.36 -5.83 14.34
C HIS A 303 -21.04 -7.13 13.92
N GLN A 304 -20.44 -8.24 14.34
CA GLN A 304 -20.97 -9.57 14.07
C GLN A 304 -20.46 -10.50 15.16
N ASN A 305 -21.35 -11.36 15.63
CA ASN A 305 -21.00 -12.34 16.65
C ASN A 305 -20.38 -13.56 16.01
N ILE A 306 -19.18 -13.93 16.47
CA ILE A 306 -18.48 -15.12 16.00
C ILE A 306 -18.28 -16.13 17.13
N GLY A 307 -18.94 -15.94 18.27
CA GLY A 307 -18.76 -16.81 19.41
C GLY A 307 -19.61 -18.07 19.32
N SER A 308 -19.63 -18.80 20.44
CA SER A 308 -20.29 -20.11 20.47
C SER A 308 -21.75 -20.03 20.03
N SER A 309 -22.40 -18.89 20.27
CA SER A 309 -23.82 -18.77 19.94
C SER A 309 -24.07 -18.68 18.44
N SER A 310 -23.05 -18.39 17.64
CA SER A 310 -23.22 -18.23 16.20
C SER A 310 -23.11 -19.58 15.50
N SER A 311 -23.52 -19.60 14.24
CA SER A 311 -23.41 -20.80 13.42
C SER A 311 -22.00 -20.89 12.86
N PRO A 312 -21.26 -21.95 13.13
CA PRO A 312 -19.85 -22.00 12.73
C PRO A 312 -19.68 -22.31 11.25
N ASP A 313 -18.49 -21.94 10.75
CA ASP A 313 -18.10 -22.29 9.39
C ASP A 313 -17.66 -23.74 9.28
N ILE A 314 -16.99 -24.23 10.32
CA ILE A 314 -16.43 -25.58 10.36
C ILE A 314 -16.78 -26.16 11.72
N TYR A 315 -17.33 -27.36 11.74
CA TYR A 315 -17.80 -27.94 13.00
C TYR A 315 -17.67 -29.46 12.98
N ASN A 316 -17.13 -30.00 14.06
CA ASN A 316 -17.08 -31.42 14.31
C ASN A 316 -17.47 -31.61 15.78
N PRO A 317 -18.60 -32.27 16.07
CA PRO A 317 -19.08 -32.30 17.47
C PRO A 317 -18.12 -32.99 18.43
N GLN A 318 -17.10 -33.68 17.94
CA GLN A 318 -16.11 -34.32 18.80
C GLN A 318 -14.71 -33.73 18.65
N ALA A 319 -14.58 -32.57 18.02
CA ALA A 319 -13.27 -31.92 17.90
C ALA A 319 -13.36 -30.43 18.22
N GLY A 320 -14.33 -29.73 17.65
CA GLY A 320 -14.48 -28.32 17.93
C GLY A 320 -15.16 -27.60 16.76
N ARG A 321 -14.88 -26.30 16.68
CA ARG A 321 -15.54 -25.44 15.70
C ARG A 321 -14.63 -24.27 15.35
N ILE A 322 -14.87 -23.70 14.17
CA ILE A 322 -14.21 -22.46 13.74
C ILE A 322 -15.25 -21.57 13.10
N LYS A 323 -15.13 -20.26 13.34
CA LYS A 323 -15.99 -19.26 12.72
C LYS A 323 -15.16 -18.01 12.48
N THR A 324 -15.01 -17.62 11.22
CA THR A 324 -14.28 -16.41 10.84
C THR A 324 -15.25 -15.35 10.37
N VAL A 325 -15.01 -14.10 10.76
CA VAL A 325 -15.68 -12.94 10.19
C VAL A 325 -14.71 -12.29 9.21
N THR A 326 -15.15 -12.15 7.96
CA THR A 326 -14.35 -11.55 6.91
C THR A 326 -15.16 -10.46 6.23
N SER A 327 -14.57 -9.83 5.22
CA SER A 327 -15.31 -8.87 4.40
C SER A 327 -16.39 -9.55 3.57
N PHE A 328 -16.38 -10.88 3.47
CA PHE A 328 -17.49 -11.61 2.86
C PHE A 328 -18.71 -11.66 3.76
N ASP A 329 -18.52 -11.45 5.06
CA ASP A 329 -19.62 -11.39 6.03
C ASP A 329 -19.95 -9.97 6.45
N LEU A 330 -18.93 -9.12 6.56
CA LEU A 330 -19.08 -7.80 7.18
C LEU A 330 -18.33 -6.82 6.27
N PRO A 331 -19.04 -6.10 5.40
CA PRO A 331 -18.34 -5.34 4.34
C PRO A 331 -17.43 -4.25 4.87
N ALA A 332 -17.69 -3.70 6.06
CA ALA A 332 -16.79 -2.70 6.62
C ALA A 332 -15.36 -3.20 6.70
N LEU A 333 -15.17 -4.50 6.94
CA LEU A 333 -13.83 -5.05 7.06
C LEU A 333 -13.02 -4.90 5.78
N ARG A 334 -13.68 -4.80 4.62
CA ARG A 334 -12.96 -4.52 3.38
C ARG A 334 -12.19 -3.20 3.48
N PHE A 335 -12.71 -2.24 4.25
CA PHE A 335 -12.02 -0.97 4.44
C PHE A 335 -10.92 -1.08 5.49
N LEU A 336 -11.18 -1.82 6.58
CA LEU A 336 -10.18 -1.95 7.64
C LEU A 336 -9.04 -2.88 7.28
N LYS A 337 -9.26 -3.82 6.35
CA LYS A 337 -8.27 -4.85 6.03
C LYS A 337 -7.93 -5.70 7.25
N LEU A 338 -8.96 -6.01 8.05
CA LEU A 338 -8.82 -6.83 9.23
C LEU A 338 -9.92 -7.88 9.25
N SER A 339 -9.63 -9.02 9.88
CA SER A 339 -10.62 -10.06 10.08
C SER A 339 -10.34 -10.71 11.41
N ALA A 340 -11.21 -11.64 11.81
CA ALA A 340 -11.01 -12.34 13.06
C ALA A 340 -11.58 -13.74 12.94
N GLU A 341 -10.94 -14.67 13.65
CA GLU A 341 -11.31 -16.07 13.68
C GLU A 341 -11.54 -16.48 15.12
N PHE A 342 -12.71 -17.04 15.40
CA PHE A 342 -13.01 -17.65 16.69
C PHE A 342 -12.98 -19.17 16.53
N GLY A 343 -12.38 -19.84 17.52
CA GLY A 343 -12.31 -21.29 17.49
C GLY A 343 -12.42 -21.86 18.89
N SER A 344 -12.90 -23.09 18.95
CA SER A 344 -13.05 -23.81 20.20
C SER A 344 -12.64 -25.25 19.94
N LEU A 345 -11.78 -25.78 20.80
CA LEU A 345 -11.16 -27.08 20.58
C LEU A 345 -11.39 -27.96 21.79
N HIS A 346 -11.96 -29.14 21.57
CA HIS A 346 -12.26 -30.04 22.67
C HIS A 346 -10.98 -30.65 23.20
N LYS A 347 -11.04 -31.11 24.45
CA LYS A 347 -9.87 -31.70 25.11
C LYS A 347 -9.26 -32.83 24.27
N ASN A 348 -7.95 -32.72 24.05
CA ASN A 348 -7.14 -33.65 23.29
C ASN A 348 -7.48 -33.63 21.80
N ALA A 349 -8.42 -32.81 21.37
CA ALA A 349 -8.64 -32.61 19.94
C ALA A 349 -7.53 -31.72 19.37
N MET A 350 -7.35 -31.80 18.06
CA MET A 350 -6.28 -31.10 17.37
C MET A 350 -6.85 -30.44 16.12
N PHE A 351 -6.21 -29.37 15.66
CA PHE A 351 -6.30 -29.03 14.24
C PHE A 351 -4.92 -29.20 13.59
N VAL A 352 -4.95 -29.71 12.37
CA VAL A 352 -3.76 -30.08 11.60
C VAL A 352 -2.84 -28.88 11.40
N PRO A 353 -1.56 -29.12 11.08
CA PRO A 353 -0.66 -28.00 10.77
C PRO A 353 -1.18 -27.20 9.59
N HIS A 354 -1.13 -25.88 9.73
CA HIS A 354 -1.63 -24.99 8.70
C HIS A 354 -0.88 -23.67 8.84
N TYR A 355 -1.03 -22.83 7.82
CA TYR A 355 -0.40 -21.52 7.81
C TYR A 355 -1.33 -20.52 7.11
N ASN A 356 -1.13 -19.26 7.45
CA ASN A 356 -1.87 -18.17 6.81
C ASN A 356 -1.09 -17.69 5.60
N LEU A 357 -1.69 -17.78 4.42
CA LEU A 357 -0.99 -17.37 3.20
C LEU A 357 -0.66 -15.88 3.23
N ASN A 358 -1.57 -15.06 3.77
CA ASN A 358 -1.59 -13.65 3.46
C ASN A 358 -1.89 -12.79 4.68
N ALA A 359 -1.48 -13.22 5.87
CA ALA A 359 -1.77 -12.42 7.05
C ALA A 359 -0.91 -12.86 8.21
N ASN A 360 -0.62 -11.92 9.11
CA ASN A 360 -0.14 -12.22 10.44
C ASN A 360 -1.35 -12.41 11.35
N SER A 361 -1.24 -13.33 12.30
CA SER A 361 -2.32 -13.59 13.24
C SER A 361 -1.87 -13.23 14.65
N ILE A 362 -2.77 -12.59 15.39
CA ILE A 362 -2.57 -12.33 16.81
C ILE A 362 -3.54 -13.25 17.54
N LEU A 363 -3.00 -14.33 18.09
CA LEU A 363 -3.78 -15.36 18.76
C LEU A 363 -3.97 -14.97 20.22
N TYR A 364 -5.21 -14.81 20.64
CA TYR A 364 -5.55 -14.47 22.03
C TYR A 364 -6.44 -15.55 22.60
N ALA A 365 -5.95 -16.25 23.62
CA ALA A 365 -6.71 -17.33 24.24
C ALA A 365 -7.83 -16.77 25.11
N LEU A 366 -9.02 -17.37 25.00
CA LEU A 366 -10.19 -16.93 25.73
C LEU A 366 -10.57 -17.83 26.89
N LYS A 367 -10.22 -19.11 26.84
CA LYS A 367 -10.68 -20.07 27.83
C LYS A 367 -9.82 -21.33 27.75
N GLY A 368 -9.38 -21.83 28.91
CA GLY A 368 -8.60 -23.05 28.94
C GLY A 368 -7.17 -22.84 28.46
N ARG A 369 -6.56 -23.94 28.04
CA ARG A 369 -5.18 -23.93 27.57
C ARG A 369 -5.02 -24.94 26.45
N ALA A 370 -3.96 -24.76 25.67
CA ALA A 370 -3.62 -25.68 24.60
C ALA A 370 -2.11 -25.65 24.38
N ARG A 371 -1.58 -26.76 23.90
CA ARG A 371 -0.18 -26.83 23.50
C ARG A 371 -0.09 -26.45 22.04
N LEU A 372 0.62 -25.37 21.74
CA LEU A 372 0.78 -24.89 20.38
C LEU A 372 2.22 -25.14 19.91
N GLN A 373 2.35 -25.43 18.62
CA GLN A 373 3.63 -25.62 17.97
C GLN A 373 3.68 -24.72 16.75
N ILE A 374 4.70 -23.86 16.67
CA ILE A 374 4.86 -22.94 15.55
C ILE A 374 6.24 -23.16 14.94
N VAL A 375 6.29 -23.21 13.62
CA VAL A 375 7.49 -23.60 12.87
C VAL A 375 7.77 -22.53 11.83
N ASN A 376 9.05 -22.17 11.68
CA ASN A 376 9.46 -21.13 10.74
C ASN A 376 9.99 -21.76 9.45
N CYS A 377 10.65 -20.95 8.62
CA CYS A 377 11.07 -21.40 7.30
C CYS A 377 12.25 -22.37 7.36
N LYS A 378 13.02 -22.37 8.44
CA LYS A 378 14.09 -23.35 8.57
C LYS A 378 13.60 -24.71 9.09
N GLY A 379 12.29 -24.85 9.35
CA GLY A 379 11.79 -26.04 9.98
C GLY A 379 12.08 -26.13 11.46
N ASN A 380 12.39 -25.01 12.11
CA ASN A 380 12.68 -24.97 13.54
C ASN A 380 11.43 -24.59 14.31
N SER A 381 11.24 -25.24 15.45
CA SER A 381 10.20 -24.84 16.39
C SER A 381 10.56 -23.50 17.01
N VAL A 382 9.78 -22.46 16.72
CA VAL A 382 9.93 -21.17 17.39
C VAL A 382 9.00 -21.02 18.58
N PHE A 383 8.10 -21.98 18.80
CA PHE A 383 7.28 -22.02 20.00
C PHE A 383 6.78 -23.44 20.18
N ASP A 384 6.95 -23.97 21.39
CA ASP A 384 6.34 -25.24 21.77
C ASP A 384 6.04 -25.15 23.26
N GLY A 385 4.76 -25.05 23.60
CA GLY A 385 4.36 -24.79 24.96
C GLY A 385 2.89 -24.49 25.03
N GLU A 386 2.47 -24.06 26.20
CA GLU A 386 1.06 -23.83 26.48
C GLU A 386 0.71 -22.37 26.24
N LEU A 387 -0.47 -22.15 25.67
CA LEU A 387 -1.10 -20.84 25.61
C LEU A 387 -2.37 -20.92 26.45
N GLU A 388 -2.43 -20.13 27.52
CA GLU A 388 -3.53 -20.18 28.47
C GLU A 388 -4.36 -18.91 28.36
N ALA A 389 -5.62 -19.01 28.80
CA ALA A 389 -6.56 -17.91 28.71
C ALA A 389 -5.93 -16.60 29.18
N GLY A 390 -6.14 -15.54 28.41
CA GLY A 390 -5.70 -14.20 28.77
C GLY A 390 -4.37 -13.78 28.17
N ARG A 391 -3.70 -14.64 27.42
CA ARG A 391 -2.39 -14.35 26.87
C ARG A 391 -2.44 -14.34 25.35
N ALA A 392 -1.48 -13.62 24.75
CA ALA A 392 -1.43 -13.43 23.31
C ALA A 392 -0.17 -14.06 22.75
N LEU A 393 -0.28 -14.53 21.50
CA LEU A 393 0.81 -15.16 20.79
C LEU A 393 0.69 -14.81 19.31
N ILE A 394 1.79 -14.33 18.72
CA ILE A 394 1.80 -13.95 17.31
C ILE A 394 2.17 -15.17 16.46
N VAL A 395 1.38 -15.41 15.41
CA VAL A 395 1.69 -16.40 14.39
C VAL A 395 2.04 -15.64 13.12
N PRO A 396 3.32 -15.50 12.77
CA PRO A 396 3.67 -14.74 11.57
C PRO A 396 3.14 -15.40 10.31
N GLN A 397 2.91 -14.56 9.29
CA GLN A 397 2.52 -15.06 7.98
C GLN A 397 3.40 -16.23 7.55
N ASN A 398 2.76 -17.27 7.03
CA ASN A 398 3.42 -18.40 6.39
C ASN A 398 4.06 -19.36 7.39
N PHE A 399 4.26 -18.92 8.64
CA PHE A 399 4.68 -19.86 9.69
C PHE A 399 3.61 -20.92 9.89
N ALA A 400 4.02 -22.17 9.97
CA ALA A 400 3.09 -23.25 10.23
C ALA A 400 2.77 -23.33 11.73
N ILE A 401 1.54 -23.73 12.02
CA ILE A 401 1.07 -23.85 13.39
C ILE A 401 0.14 -25.04 13.51
N ALA A 402 0.21 -25.70 14.66
CA ALA A 402 -0.70 -26.78 15.02
C ALA A 402 -0.99 -26.70 16.51
N ALA A 403 -2.07 -27.34 16.95
CA ALA A 403 -2.51 -27.17 18.32
C ALA A 403 -3.17 -28.44 18.84
N LYS A 404 -3.11 -28.61 20.16
CA LYS A 404 -3.82 -29.66 20.87
C LYS A 404 -4.39 -29.07 22.15
N SER A 405 -5.69 -29.22 22.35
CA SER A 405 -6.34 -28.68 23.53
C SER A 405 -6.04 -29.52 24.76
N LEU A 406 -5.77 -28.85 25.87
CA LEU A 406 -5.52 -29.51 27.15
C LEU A 406 -6.66 -29.28 28.15
N SER A 407 -7.81 -28.82 27.68
CA SER A 407 -8.93 -28.48 28.55
C SER A 407 -10.23 -28.96 27.92
N ASP A 408 -11.27 -29.03 28.74
CA ASP A 408 -12.60 -29.37 28.25
C ASP A 408 -12.92 -28.60 26.97
N ARG A 409 -12.71 -27.28 27.01
CA ARG A 409 -12.82 -26.43 25.83
C ARG A 409 -11.65 -25.45 25.85
N PHE A 410 -10.77 -25.56 24.86
CA PHE A 410 -9.87 -24.45 24.56
C PHE A 410 -10.52 -23.59 23.48
N SER A 411 -10.62 -22.30 23.74
CA SER A 411 -11.21 -21.38 22.78
C SER A 411 -10.38 -20.12 22.70
N TYR A 412 -10.39 -19.48 21.54
CA TYR A 412 -9.49 -18.38 21.24
C TYR A 412 -10.15 -17.46 20.22
N VAL A 413 -9.58 -16.27 20.07
CA VAL A 413 -9.86 -15.39 18.95
C VAL A 413 -8.55 -15.00 18.31
N ALA A 414 -8.45 -15.15 17.00
CA ALA A 414 -7.26 -14.79 16.24
C ALA A 414 -7.60 -13.58 15.38
N PHE A 415 -6.99 -12.44 15.69
CA PHE A 415 -7.07 -11.26 14.83
C PHE A 415 -6.07 -11.43 13.70
N LYS A 416 -6.50 -11.08 12.48
CA LYS A 416 -5.65 -11.30 11.33
C LYS A 416 -5.57 -10.04 10.49
N THR A 417 -4.36 -9.73 10.03
CA THR A 417 -4.09 -8.50 9.28
C THR A 417 -4.43 -8.68 7.82
N ASN A 418 -5.68 -9.09 7.54
CA ASN A 418 -6.20 -9.18 6.18
C ASN A 418 -7.70 -9.44 6.27
N ASP A 419 -8.51 -8.68 5.54
CA ASP A 419 -9.95 -8.88 5.59
C ASP A 419 -10.38 -10.20 4.96
N ARG A 420 -9.50 -10.86 4.22
CA ARG A 420 -9.77 -12.16 3.60
C ARG A 420 -8.56 -13.07 3.81
N ALA A 421 -8.28 -13.40 5.07
CA ALA A 421 -7.16 -14.28 5.37
C ALA A 421 -7.48 -15.69 4.93
N ALA A 422 -6.56 -16.30 4.19
CA ALA A 422 -6.74 -17.65 3.65
C ALA A 422 -5.83 -18.62 4.40
N ILE A 423 -6.37 -19.79 4.73
CA ILE A 423 -5.65 -20.82 5.48
C ILE A 423 -5.20 -21.90 4.51
N GLY A 424 -3.93 -22.26 4.59
CA GLY A 424 -3.42 -23.42 3.89
C GLY A 424 -3.20 -24.55 4.87
N ARG A 425 -3.93 -25.65 4.67
CA ARG A 425 -3.79 -26.84 5.48
C ARG A 425 -2.73 -27.75 4.88
N LEU A 426 -1.70 -28.07 5.67
CA LEU A 426 -0.60 -28.89 5.17
C LEU A 426 -0.95 -30.37 5.13
N LEU A 427 -1.79 -30.84 6.06
CA LEU A 427 -2.18 -32.24 6.12
C LEU A 427 -3.70 -32.34 6.27
N GLY A 428 -4.25 -33.47 5.87
CA GLY A 428 -5.66 -33.75 5.98
C GLY A 428 -6.33 -33.91 4.63
N ALA A 429 -7.63 -34.18 4.68
CA ALA A 429 -8.40 -34.39 3.46
C ALA A 429 -8.42 -33.11 2.63
N SER A 430 -8.11 -33.25 1.33
CA SER A 430 -8.02 -32.11 0.42
C SER A 430 -7.00 -31.08 0.90
N SER A 431 -6.00 -31.52 1.66
CA SER A 431 -4.94 -30.63 2.10
C SER A 431 -3.97 -30.36 0.95
N LEU A 432 -2.96 -29.52 1.22
CA LEU A 432 -1.97 -29.21 0.19
C LEU A 432 -1.15 -30.44 -0.19
N ILE A 433 -0.92 -31.36 0.76
CA ILE A 433 -0.22 -32.60 0.41
C ILE A 433 -1.14 -33.51 -0.39
N ASN A 434 -2.43 -33.59 -0.02
CA ASN A 434 -3.37 -34.41 -0.76
C ASN A 434 -3.61 -33.90 -2.18
N GLY A 435 -3.36 -32.62 -2.43
CA GLY A 435 -3.50 -32.05 -3.75
C GLY A 435 -2.34 -32.30 -4.69
N MET A 436 -1.26 -32.94 -4.19
CA MET A 436 -0.13 -33.31 -5.03
C MET A 436 -0.31 -34.72 -5.57
N PRO A 437 0.16 -35.01 -6.78
CA PRO A 437 0.12 -36.39 -7.29
C PRO A 437 0.85 -37.33 -6.33
N GLU A 438 0.33 -38.55 -6.21
CA GLU A 438 0.89 -39.50 -5.25
C GLU A 438 2.37 -39.75 -5.52
N GLU A 439 2.75 -39.89 -6.78
CA GLU A 439 4.16 -40.13 -7.09
C GLU A 439 5.00 -38.87 -6.87
N VAL A 440 4.40 -37.69 -6.86
CA VAL A 440 5.12 -36.50 -6.42
C VAL A 440 5.36 -36.56 -4.93
N VAL A 441 4.36 -36.99 -4.15
CA VAL A 441 4.54 -37.15 -2.72
C VAL A 441 5.62 -38.20 -2.44
N ALA A 442 5.51 -39.35 -3.11
CA ALA A 442 6.48 -40.43 -2.89
C ALA A 442 7.91 -39.96 -3.15
N ALA A 443 8.14 -39.33 -4.31
CA ALA A 443 9.49 -38.90 -4.64
C ALA A 443 9.97 -37.81 -3.69
N ALA A 444 9.08 -36.88 -3.31
CA ALA A 444 9.50 -35.77 -2.45
C ALA A 444 10.01 -36.26 -1.10
N PHE A 445 9.31 -37.23 -0.51
CA PHE A 445 9.64 -37.72 0.83
C PHE A 445 10.36 -39.07 0.82
N ASN A 446 10.69 -39.60 -0.35
CA ASN A 446 11.29 -40.92 -0.50
C ASN A 446 10.46 -41.96 0.24
N MET A 447 9.18 -42.02 -0.12
CA MET A 447 8.21 -42.91 0.49
C MET A 447 7.80 -44.00 -0.50
N GLU A 448 7.39 -45.14 0.02
CA GLU A 448 6.72 -46.14 -0.80
C GLU A 448 5.37 -45.60 -1.27
N ARG A 449 4.91 -46.11 -2.40
CA ARG A 449 3.60 -45.68 -2.90
C ARG A 449 2.53 -45.85 -1.84
N ASN A 450 2.52 -46.99 -1.16
CA ASN A 450 1.52 -47.24 -0.14
C ASN A 450 1.69 -46.31 1.06
N GLU A 451 2.91 -45.86 1.34
CA GLU A 451 3.12 -44.92 2.43
C GLU A 451 2.57 -43.54 2.07
N ALA A 452 2.74 -43.12 0.81
CA ALA A 452 2.18 -41.84 0.40
C ALA A 452 0.66 -41.86 0.53
N ARG A 453 0.03 -42.97 0.16
CA ARG A 453 -1.42 -43.09 0.26
C ARG A 453 -1.87 -43.03 1.72
N GLN A 454 -1.13 -43.66 2.62
CA GLN A 454 -1.46 -43.57 4.03
C GLN A 454 -1.33 -42.14 4.54
N LEU A 455 -0.28 -41.44 4.11
CA LEU A 455 -0.12 -40.03 4.46
C LEU A 455 -1.36 -39.23 4.07
N LYS A 456 -1.94 -39.53 2.92
CA LYS A 456 -3.10 -38.79 2.45
C LYS A 456 -4.39 -39.21 3.16
N PHE A 457 -4.60 -40.52 3.33
CA PHE A 457 -5.94 -41.04 3.56
C PHE A 457 -6.13 -41.84 4.85
N ASN A 458 -5.11 -41.99 5.70
CA ASN A 458 -5.33 -42.69 6.96
C ASN A 458 -6.25 -41.91 7.88
N SER A 459 -6.08 -40.57 7.94
CA SER A 459 -7.00 -39.74 8.71
C SER A 459 -7.99 -39.08 7.76
N PRO A 460 -9.30 -39.22 7.97
CA PRO A 460 -10.29 -38.68 7.03
C PRO A 460 -10.68 -37.22 7.24
N PHE A 461 -10.16 -36.56 8.27
CA PHE A 461 -10.66 -35.25 8.67
C PHE A 461 -9.92 -34.14 7.93
N SER A 462 -10.62 -33.00 7.79
CA SER A 462 -10.08 -31.87 7.03
C SER A 462 -9.17 -31.01 7.91
N PHE A 463 -9.74 -30.38 8.93
CA PHE A 463 -9.03 -29.39 9.75
C PHE A 463 -9.02 -29.78 11.22
N LEU A 464 -10.16 -30.18 11.77
CA LEU A 464 -10.27 -30.60 13.16
C LEU A 464 -10.13 -32.11 13.25
N VAL A 465 -9.34 -32.56 14.23
CA VAL A 465 -9.04 -33.96 14.44
C VAL A 465 -9.51 -34.35 15.84
N PRO A 466 -10.44 -35.29 15.99
CA PRO A 466 -10.85 -35.74 17.33
C PRO A 466 -9.69 -36.38 18.07
N PRO A 467 -9.80 -36.55 19.39
CA PRO A 467 -8.67 -37.08 20.15
C PRO A 467 -8.19 -38.42 19.62
N ARG A 468 -6.90 -38.67 19.83
CA ARG A 468 -6.30 -39.96 19.51
C ARG A 468 -6.60 -40.37 18.07
N ASN B 9 10.32 8.68 15.65
CA ASN B 9 8.96 8.62 15.09
C ASN B 9 8.58 9.93 14.41
N GLU B 10 8.42 9.83 13.09
CA GLU B 10 8.39 11.00 12.21
C GLU B 10 7.31 12.01 12.59
N CYS B 11 6.21 11.56 13.20
CA CYS B 11 5.07 12.44 13.44
C CYS B 11 4.86 12.78 14.91
N GLN B 12 5.79 12.41 15.79
CA GLN B 12 5.77 12.89 17.17
C GLN B 12 6.30 14.32 17.19
N LEU B 13 5.45 15.23 16.73
CA LEU B 13 5.82 16.64 16.58
C LEU B 13 5.31 17.40 17.80
N GLU B 14 6.22 18.07 18.49
CA GLU B 14 5.86 18.83 19.68
C GLU B 14 5.60 20.30 19.38
N HIS B 15 5.98 20.78 18.19
CA HIS B 15 5.61 22.12 17.76
C HIS B 15 5.65 22.18 16.25
N LEU B 16 4.74 22.93 15.67
CA LEU B 16 4.70 23.20 14.24
C LEU B 16 5.01 24.68 14.01
N ASN B 17 5.47 24.99 12.80
CA ASN B 17 5.81 26.35 12.43
C ASN B 17 5.24 26.65 11.05
N ALA B 18 4.77 27.89 10.88
CA ALA B 18 4.45 28.38 9.55
C ALA B 18 5.72 28.45 8.74
N LEU B 19 5.76 27.75 7.60
CA LEU B 19 7.00 27.53 6.88
C LEU B 19 7.06 28.39 5.62
N GLU B 20 8.25 28.88 5.33
CA GLU B 20 8.59 29.56 4.10
C GLU B 20 9.53 28.69 3.27
N PRO B 21 9.64 28.94 1.97
CA PRO B 21 10.66 28.23 1.18
C PRO B 21 12.05 28.54 1.71
N ASP B 22 12.92 27.53 1.67
CA ASP B 22 14.31 27.70 2.10
C ASP B 22 15.29 27.67 0.93
N ASN B 23 14.79 27.65 -0.31
CA ASN B 23 15.66 27.68 -1.48
C ASN B 23 14.91 28.35 -2.63
N ARG B 24 15.62 29.19 -3.38
CA ARG B 24 15.07 29.84 -4.57
C ARG B 24 16.05 29.67 -5.71
N ILE B 25 15.51 29.36 -6.89
CA ILE B 25 16.32 29.19 -8.10
C ILE B 25 15.74 30.12 -9.15
N LYS B 26 16.49 31.18 -9.49
CA LYS B 26 16.06 32.11 -10.52
C LYS B 26 16.44 31.57 -11.89
N SER B 27 15.53 31.75 -12.85
CA SER B 27 15.76 31.32 -14.23
C SER B 27 15.35 32.45 -15.15
N GLU B 28 15.64 32.28 -16.45
CA GLU B 28 15.44 33.35 -17.41
C GLU B 28 14.01 33.86 -17.39
N GLY B 29 13.03 32.96 -17.28
CA GLY B 29 11.64 33.34 -17.40
C GLY B 29 10.87 33.33 -16.09
N GLY B 30 11.53 33.00 -14.98
CA GLY B 30 10.81 32.97 -13.72
C GLY B 30 11.59 32.49 -12.51
N LEU B 31 10.86 31.90 -11.57
CA LEU B 31 11.40 31.58 -10.24
C LEU B 31 10.75 30.29 -9.76
N ILE B 32 11.54 29.44 -9.14
CA ILE B 32 11.04 28.23 -8.49
C ILE B 32 11.55 28.22 -7.06
N GLU B 33 10.62 28.11 -6.10
CA GLU B 33 10.93 28.09 -4.68
C GLU B 33 10.51 26.75 -4.10
N THR B 34 11.36 26.18 -3.25
CA THR B 34 11.10 24.87 -2.65
C THR B 34 11.11 24.96 -1.13
N TRP B 35 10.17 24.27 -0.51
CA TRP B 35 10.24 24.00 0.93
C TRP B 35 11.12 22.79 1.16
N ASN B 36 11.82 22.79 2.30
CA ASN B 36 12.76 21.71 2.60
C ASN B 36 11.99 20.41 2.80
N PRO B 37 12.13 19.41 1.94
CA PRO B 37 11.39 18.15 2.14
C PRO B 37 11.90 17.37 3.33
N SER B 38 13.09 17.69 3.82
CA SER B 38 13.61 17.03 5.01
C SER B 38 13.21 17.73 6.30
N ASN B 39 12.51 18.85 6.23
CA ASN B 39 11.95 19.43 7.44
C ASN B 39 11.02 18.42 8.09
N LYS B 40 11.02 18.38 9.42
CA LYS B 40 10.32 17.35 10.15
C LYS B 40 8.83 17.33 9.81
N GLN B 41 8.23 18.50 9.57
CA GLN B 41 6.81 18.55 9.23
C GLN B 41 6.54 17.84 7.91
N PHE B 42 7.37 18.10 6.89
CA PHE B 42 7.16 17.47 5.59
C PHE B 42 7.51 15.99 5.62
N ARG B 43 8.42 15.57 6.50
CA ARG B 43 8.69 14.15 6.67
C ARG B 43 7.52 13.44 7.32
N CYS B 44 6.87 14.09 8.30
CA CYS B 44 5.64 13.53 8.87
C CYS B 44 4.55 13.45 7.81
N ALA B 45 4.35 14.52 7.04
CA ALA B 45 3.34 14.49 5.99
C ALA B 45 3.72 13.53 4.87
N GLY B 46 5.01 13.41 4.58
CA GLY B 46 5.46 12.55 3.51
C GLY B 46 5.28 13.15 2.12
N VAL B 47 5.52 14.45 1.98
CA VAL B 47 5.31 15.16 0.74
C VAL B 47 6.40 16.23 0.60
N ALA B 48 6.43 16.85 -0.59
CA ALA B 48 7.27 17.99 -0.87
C ALA B 48 6.41 19.10 -1.47
N LEU B 49 6.83 20.34 -1.27
CA LEU B 49 6.09 21.50 -1.74
C LEU B 49 7.03 22.45 -2.49
N SER B 50 6.56 22.98 -3.61
CA SER B 50 7.33 23.95 -4.40
C SER B 50 6.38 24.99 -4.98
N ARG B 51 6.93 26.15 -5.32
CA ARG B 51 6.16 27.25 -5.87
C ARG B 51 6.91 27.82 -7.07
N ALA B 52 6.26 27.85 -8.23
CA ALA B 52 6.85 28.32 -9.47
C ALA B 52 6.15 29.59 -9.93
N THR B 53 6.95 30.56 -10.38
CA THR B 53 6.44 31.83 -10.89
C THR B 53 6.89 31.98 -12.34
N LEU B 54 5.93 32.12 -13.23
CA LEU B 54 6.19 32.24 -14.67
C LEU B 54 5.89 33.67 -15.10
N GLN B 55 6.92 34.38 -15.54
CA GLN B 55 6.74 35.72 -16.07
C GLN B 55 5.96 35.64 -17.39
N PRO B 56 5.45 36.77 -17.88
CA PRO B 56 4.75 36.77 -19.17
C PRO B 56 5.59 36.15 -20.26
N ASN B 57 4.93 35.40 -21.15
CA ASN B 57 5.58 34.74 -22.27
C ASN B 57 6.80 33.92 -21.82
N SER B 58 6.60 33.16 -20.75
CA SER B 58 7.62 32.25 -20.25
C SER B 58 7.07 30.83 -20.24
N LEU B 59 7.97 29.86 -20.39
CA LEU B 59 7.62 28.45 -20.57
C LEU B 59 8.30 27.62 -19.50
N ARG B 60 7.51 26.92 -18.69
CA ARG B 60 8.02 25.85 -17.84
C ARG B 60 8.29 24.63 -18.71
N ARG B 61 9.56 24.29 -18.87
CA ARG B 61 9.93 23.27 -19.83
C ARG B 61 9.51 21.87 -19.35
N PRO B 62 9.25 20.96 -20.29
CA PRO B 62 8.63 19.68 -19.92
C PRO B 62 9.48 18.84 -18.98
N PHE B 63 8.82 18.22 -18.01
CA PHE B 63 9.45 17.32 -17.05
C PHE B 63 8.42 16.30 -16.59
N TYR B 64 8.90 15.16 -16.11
CA TYR B 64 8.04 14.19 -15.43
C TYR B 64 8.62 13.87 -14.07
N THR B 65 7.75 13.40 -13.18
CA THR B 65 8.08 13.18 -11.78
C THR B 65 7.66 11.78 -11.34
N ASN B 66 8.44 11.21 -10.42
CA ASN B 66 8.21 9.84 -9.97
C ASN B 66 7.18 9.76 -8.84
N ALA B 67 6.22 10.69 -8.81
CA ALA B 67 5.17 10.66 -7.80
C ALA B 67 4.02 11.52 -8.31
N PRO B 68 2.81 11.30 -7.78
CA PRO B 68 1.67 12.13 -8.21
C PRO B 68 1.77 13.55 -7.64
N GLN B 69 1.22 14.50 -8.41
CA GLN B 69 1.24 15.90 -8.01
C GLN B 69 -0.14 16.53 -8.15
N GLU B 70 -0.42 17.51 -7.29
CA GLU B 70 -1.51 18.46 -7.46
C GLU B 70 -0.90 19.85 -7.58
N ILE B 71 -1.34 20.60 -8.59
CA ILE B 71 -0.86 21.96 -8.82
C ILE B 71 -2.04 22.92 -8.65
N PHE B 72 -1.88 23.90 -7.79
CA PHE B 72 -2.88 24.95 -7.60
C PHE B 72 -2.40 26.24 -8.25
N ILE B 73 -3.24 26.83 -9.07
CA ILE B 73 -2.92 28.09 -9.76
C ILE B 73 -3.30 29.21 -8.81
N GLN B 74 -2.32 29.68 -8.04
CA GLN B 74 -2.55 30.78 -7.11
C GLN B 74 -2.89 32.06 -7.85
N GLN B 75 -2.34 32.26 -9.03
CA GLN B 75 -2.48 33.53 -9.75
C GLN B 75 -2.17 33.30 -11.21
N GLY B 76 -2.88 34.00 -12.08
CA GLY B 76 -2.55 34.06 -13.49
C GLY B 76 -3.36 33.09 -14.34
N ASN B 77 -3.01 33.08 -15.62
CA ASN B 77 -3.72 32.33 -16.64
C ASN B 77 -2.71 31.89 -17.69
N GLY B 78 -3.01 30.79 -18.38
CA GLY B 78 -2.12 30.30 -19.40
C GLY B 78 -2.56 28.96 -19.93
N TYR B 79 -1.59 28.22 -20.47
CA TYR B 79 -1.82 26.92 -21.08
C TYR B 79 -0.93 25.88 -20.41
N PHE B 80 -1.45 24.66 -20.30
CA PHE B 80 -0.63 23.53 -19.88
C PHE B 80 -0.89 22.36 -20.80
N GLY B 81 0.10 21.48 -20.88
CA GLY B 81 -0.02 20.28 -21.66
C GLY B 81 0.51 19.10 -20.87
N MET B 82 -0.29 18.05 -20.79
CA MET B 82 0.18 16.78 -20.25
C MET B 82 0.30 15.82 -21.41
N VAL B 83 1.44 15.15 -21.49
CA VAL B 83 1.78 14.33 -22.65
C VAL B 83 1.83 12.89 -22.18
N PHE B 84 0.88 12.07 -22.69
CA PHE B 84 0.67 10.73 -22.18
C PHE B 84 1.29 9.69 -23.10
N PRO B 85 1.79 8.59 -22.55
CA PRO B 85 2.16 7.45 -23.40
C PRO B 85 0.93 6.82 -24.02
N GLY B 86 1.09 6.30 -25.23
CA GLY B 86 0.04 5.55 -25.86
C GLY B 86 -1.13 6.37 -26.33
N CYS B 87 -0.95 7.67 -26.51
CA CYS B 87 -2.01 8.57 -26.93
C CYS B 87 -1.61 9.29 -28.21
N VAL B 88 -2.55 9.38 -29.15
CA VAL B 88 -2.28 10.02 -30.42
C VAL B 88 -2.44 11.53 -30.28
N GLU B 89 -1.84 12.25 -31.23
CA GLU B 89 -2.03 13.68 -31.33
C GLU B 89 -3.41 13.98 -31.90
N THR B 90 -4.33 14.48 -31.06
CA THR B 90 -5.67 14.80 -31.50
C THR B 90 -5.82 16.24 -31.98
N PHE B 91 -4.80 17.08 -31.81
CA PHE B 91 -4.78 18.43 -32.35
C PHE B 91 -3.95 18.43 -33.63
N GLU B 92 -4.56 18.88 -34.73
CA GLU B 92 -4.00 18.76 -36.07
C GLU B 92 -4.24 20.05 -36.83
N GLU B 93 -3.25 20.49 -37.63
CA GLU B 93 -3.43 21.67 -38.48
C GLU B 93 -2.83 21.42 -39.86
N PRO B 94 -3.56 21.69 -40.94
CA PRO B 94 -3.07 21.34 -42.28
C PRO B 94 -1.84 22.13 -42.68
N ARG B 95 -1.32 21.74 -43.84
CA ARG B 95 -0.21 22.42 -44.52
C ARG B 95 1.09 22.28 -43.74
N LYS B 104 3.44 16.86 -43.27
CA LYS B 104 2.17 17.00 -43.96
C LYS B 104 1.19 17.84 -43.13
N PHE B 105 1.54 18.05 -41.86
CA PHE B 105 0.86 19.03 -41.01
C PHE B 105 1.76 20.23 -40.78
N ARG B 106 1.14 21.37 -40.49
CA ARG B 106 1.89 22.52 -40.01
C ARG B 106 2.27 22.35 -38.54
N ASP B 107 1.37 21.75 -37.76
CA ASP B 107 1.61 21.50 -36.36
C ASP B 107 0.68 20.38 -35.90
N SER B 108 1.09 19.66 -34.87
CA SER B 108 0.33 18.51 -34.37
C SER B 108 0.84 18.18 -32.98
N HIS B 109 -0.08 17.93 -32.05
CA HIS B 109 0.32 17.60 -30.68
C HIS B 109 -0.89 17.06 -29.93
N GLN B 110 -0.63 16.60 -28.70
CA GLN B 110 -1.69 16.15 -27.84
C GLN B 110 -2.48 17.34 -27.29
N LYS B 111 -3.66 17.04 -26.76
CA LYS B 111 -4.58 18.06 -26.24
C LYS B 111 -3.86 19.01 -25.29
N VAL B 112 -4.15 20.30 -25.43
CA VAL B 112 -3.65 21.32 -24.51
C VAL B 112 -4.85 21.97 -23.84
N ASN B 113 -4.63 22.52 -22.65
CA ASN B 113 -5.69 23.02 -21.80
C ASN B 113 -5.35 24.44 -21.34
N ARG B 114 -6.38 25.28 -21.23
CA ARG B 114 -6.25 26.53 -20.51
C ARG B 114 -6.38 26.28 -19.01
N PHE B 115 -5.57 26.99 -18.23
CA PHE B 115 -5.70 27.00 -16.78
C PHE B 115 -5.91 28.43 -16.33
N ARG B 116 -6.57 28.58 -15.18
CA ARG B 116 -6.84 29.89 -14.62
C ARG B 116 -6.75 29.81 -13.10
N GLU B 117 -6.74 30.98 -12.48
CA GLU B 117 -6.65 31.08 -11.03
C GLU B 117 -7.73 30.25 -10.36
N GLY B 118 -7.32 29.40 -9.41
CA GLY B 118 -8.22 28.52 -8.69
C GLY B 118 -8.25 27.10 -9.21
N ASP B 119 -7.57 26.81 -10.31
CA ASP B 119 -7.53 25.46 -10.84
C ASP B 119 -6.60 24.56 -10.04
N ILE B 120 -7.07 23.34 -9.77
CA ILE B 120 -6.22 22.23 -9.36
C ILE B 120 -5.93 21.40 -10.60
N ILE B 121 -4.66 21.07 -10.82
CA ILE B 121 -4.24 20.22 -11.92
C ILE B 121 -3.67 18.94 -11.34
N ALA B 122 -4.16 17.80 -11.82
CA ALA B 122 -3.69 16.50 -11.39
C ALA B 122 -2.71 15.97 -12.42
N VAL B 123 -1.47 15.72 -11.99
CA VAL B 123 -0.42 15.18 -12.84
C VAL B 123 -0.12 13.76 -12.36
N PRO B 124 -0.54 12.71 -13.07
CA PRO B 124 -0.24 11.36 -12.62
C PRO B 124 1.24 11.07 -12.65
N THR B 125 1.62 10.06 -11.88
CA THR B 125 3.01 9.65 -11.76
C THR B 125 3.61 9.36 -13.13
N GLY B 126 4.77 9.95 -13.39
CA GLY B 126 5.54 9.65 -14.58
C GLY B 126 5.10 10.36 -15.84
N VAL B 127 4.04 11.17 -15.78
CA VAL B 127 3.51 11.83 -16.97
C VAL B 127 4.25 13.13 -17.19
N VAL B 128 4.61 13.40 -18.46
CA VAL B 128 5.29 14.64 -18.81
C VAL B 128 4.31 15.81 -18.72
N PHE B 129 4.80 16.93 -18.21
CA PHE B 129 4.00 18.12 -17.97
C PHE B 129 4.79 19.35 -18.36
N TRP B 130 4.13 20.28 -19.07
CA TRP B 130 4.70 21.60 -19.34
C TRP B 130 3.62 22.65 -19.17
N MET B 131 4.05 23.90 -19.02
CA MET B 131 3.16 25.00 -18.65
C MET B 131 3.68 26.29 -19.29
N PHE B 132 2.76 27.13 -19.76
CA PHE B 132 3.13 28.36 -20.46
C PHE B 132 2.24 29.52 -20.01
N ASN B 133 2.89 30.63 -19.66
CA ASN B 133 2.19 31.85 -19.28
C ASN B 133 1.94 32.69 -20.54
N ASP B 134 0.66 32.91 -20.83
CA ASP B 134 0.19 33.50 -22.07
C ASP B 134 -0.23 34.96 -21.93
N GLN B 135 -0.02 35.56 -20.76
CA GLN B 135 -0.67 36.81 -20.39
C GLN B 135 0.35 37.81 -19.85
N ASP B 136 -0.15 39.02 -19.56
CA ASP B 136 0.64 40.10 -19.00
C ASP B 136 0.91 39.94 -17.51
N THR B 137 0.23 38.99 -16.84
CA THR B 137 0.36 38.78 -15.41
C THR B 137 1.24 37.58 -15.11
N PRO B 138 2.08 37.62 -14.08
CA PRO B 138 2.85 36.42 -13.70
C PRO B 138 1.91 35.32 -13.23
N VAL B 139 2.22 34.08 -13.61
CA VAL B 139 1.53 32.91 -13.10
C VAL B 139 2.27 32.42 -11.87
N ILE B 140 1.53 32.14 -10.80
CA ILE B 140 2.07 31.52 -9.60
C ILE B 140 1.38 30.18 -9.41
N ALA B 141 2.15 29.10 -9.41
CA ALA B 141 1.63 27.74 -9.30
C ALA B 141 2.29 27.05 -8.13
N VAL B 142 1.48 26.54 -7.21
CA VAL B 142 1.95 25.81 -6.04
C VAL B 142 1.68 24.33 -6.27
N SER B 143 2.73 23.52 -6.24
CA SER B 143 2.63 22.10 -6.55
C SER B 143 3.02 21.26 -5.34
N LEU B 144 2.22 20.24 -5.08
CA LEU B 144 2.43 19.30 -4.00
C LEU B 144 2.85 17.96 -4.59
N ILE B 145 3.96 17.41 -4.12
CA ILE B 145 4.49 16.13 -4.61
C ILE B 145 4.33 15.11 -3.49
N ASP B 146 3.59 14.03 -3.76
CA ASP B 146 3.35 12.99 -2.76
C ASP B 146 4.43 11.92 -2.90
N THR B 147 5.61 12.22 -2.36
CA THR B 147 6.77 11.35 -2.47
C THR B 147 6.59 10.04 -1.71
N SER B 148 5.69 9.98 -0.73
CA SER B 148 5.44 8.74 0.01
C SER B 148 4.30 7.92 -0.61
N SER B 149 3.79 8.34 -1.77
CA SER B 149 2.83 7.53 -2.50
C SER B 149 3.43 6.16 -2.83
N PHE B 150 2.61 5.12 -2.75
CA PHE B 150 3.11 3.80 -3.14
C PHE B 150 3.38 3.69 -4.62
N GLN B 151 2.94 4.66 -5.43
CA GLN B 151 3.33 4.72 -6.83
C GLN B 151 4.78 5.17 -7.00
N ASN B 152 5.38 5.75 -5.97
CA ASN B 152 6.81 6.09 -5.98
C ASN B 152 7.57 4.86 -5.52
N GLN B 153 8.12 4.11 -6.48
CA GLN B 153 8.88 2.90 -6.19
C GLN B 153 10.38 3.17 -6.08
N LEU B 154 10.78 4.44 -6.02
CA LEU B 154 12.17 4.79 -5.80
C LEU B 154 12.39 5.08 -4.31
N ASP B 155 12.65 6.34 -3.96
CA ASP B 155 12.80 6.75 -2.57
C ASP B 155 12.14 8.12 -2.42
N GLN B 156 12.21 8.68 -1.21
CA GLN B 156 11.45 9.88 -0.89
C GLN B 156 12.16 11.17 -1.31
N MET B 157 13.31 11.10 -1.94
CA MET B 157 13.91 12.29 -2.54
C MET B 157 13.05 12.72 -3.72
N PRO B 158 12.46 13.91 -3.73
CA PRO B 158 11.70 14.34 -4.91
C PRO B 158 12.64 14.53 -6.10
N ARG B 159 12.23 13.99 -7.24
CA ARG B 159 13.04 14.04 -8.45
C ARG B 159 12.25 14.68 -9.58
N ARG B 160 12.95 15.47 -10.40
CA ARG B 160 12.42 15.95 -11.66
C ARG B 160 13.24 15.35 -12.79
N PHE B 161 12.55 14.80 -13.79
CA PHE B 161 13.20 14.30 -15.00
C PHE B 161 12.89 15.30 -16.11
N TYR B 162 13.85 16.16 -16.41
CA TYR B 162 13.68 17.23 -17.38
C TYR B 162 14.02 16.73 -18.78
N LEU B 163 13.14 17.03 -19.74
CA LEU B 163 13.39 16.69 -21.12
C LEU B 163 14.23 17.74 -21.86
N ALA B 164 14.41 18.92 -21.27
CA ALA B 164 15.12 20.00 -21.93
C ALA B 164 15.91 20.81 -20.91
N GLY B 165 16.90 21.53 -21.41
CA GLY B 165 17.69 22.41 -20.59
C GLY B 165 18.99 21.76 -20.14
N ASN B 166 19.69 22.49 -19.28
CA ASN B 166 21.02 22.11 -18.83
C ASN B 166 21.24 22.69 -17.45
N HIS B 167 20.30 22.44 -16.55
CA HIS B 167 20.29 23.04 -15.22
C HIS B 167 20.13 21.92 -14.20
N GLU B 168 20.24 22.28 -12.94
CA GLU B 168 20.13 21.29 -11.89
C GLU B 168 18.67 21.13 -11.45
N GLN B 169 18.39 19.96 -10.86
CA GLN B 169 17.13 19.64 -10.19
C GLN B 169 16.64 20.85 -9.39
N GLU B 170 15.34 21.06 -9.21
CA GLU B 170 14.95 22.13 -8.29
C GLU B 170 15.29 21.77 -6.84
N PHE B 171 15.19 20.49 -6.47
CA PHE B 171 15.50 20.03 -5.12
C PHE B 171 16.96 19.57 -5.10
N LEU B 172 17.86 20.47 -4.66
CA LEU B 172 19.32 20.27 -4.73
C LEU B 172 19.83 19.62 -3.46
N ARG B 173 19.55 18.33 -3.31
CA ARG B 173 19.75 17.70 -2.02
C ARG B 173 19.37 16.22 -2.02
N GLY B 186 23.97 19.46 -13.56
CA GLY B 186 22.80 18.72 -13.96
C GLY B 186 22.78 18.38 -15.44
N GLY B 187 21.61 18.51 -16.05
CA GLY B 187 21.40 18.12 -17.44
C GLY B 187 20.03 17.52 -17.66
N ASN B 188 19.61 17.38 -18.91
CA ASN B 188 18.30 16.83 -19.23
C ASN B 188 18.43 15.34 -19.51
N ILE B 189 17.28 14.71 -19.75
CA ILE B 189 17.24 13.25 -19.84
C ILE B 189 18.04 12.76 -21.05
N PHE B 190 18.16 13.57 -22.09
CA PHE B 190 18.83 13.14 -23.31
C PHE B 190 20.33 13.31 -23.24
N SER B 191 20.84 14.16 -22.34
CA SER B 191 22.27 14.42 -22.28
C SER B 191 23.05 13.24 -21.72
N GLY B 192 22.38 12.31 -21.05
CA GLY B 192 23.02 11.12 -20.56
C GLY B 192 23.26 10.05 -21.61
N PHE B 193 22.66 10.19 -22.79
CA PHE B 193 22.85 9.24 -23.87
C PHE B 193 23.99 9.68 -24.77
N LYS B 194 24.63 8.72 -25.41
CA LYS B 194 25.70 9.01 -26.34
C LYS B 194 25.16 9.71 -27.59
N ARG B 195 25.94 10.66 -28.09
CA ARG B 195 25.50 11.48 -29.21
C ARG B 195 25.27 10.64 -30.45
N ASP B 196 26.20 9.72 -30.75
CA ASP B 196 26.07 8.90 -31.95
C ASP B 196 24.83 8.01 -31.89
N PHE B 197 24.43 7.58 -30.70
CA PHE B 197 23.20 6.80 -30.57
C PHE B 197 21.99 7.63 -30.97
N LEU B 198 21.85 8.83 -30.40
CA LEU B 198 20.69 9.67 -30.70
C LEU B 198 20.64 10.02 -32.19
N GLU B 199 21.80 10.25 -32.80
CA GLU B 199 21.83 10.56 -34.24
C GLU B 199 21.25 9.41 -35.05
N ASP B 200 21.66 8.18 -34.75
CA ASP B 200 21.16 7.02 -35.47
C ASP B 200 19.68 6.79 -35.22
N ALA B 201 19.26 6.84 -33.95
CA ALA B 201 17.87 6.56 -33.62
C ALA B 201 16.94 7.58 -34.27
N LEU B 202 17.34 8.85 -34.30
CA LEU B 202 16.50 9.91 -34.83
C LEU B 202 16.72 10.17 -36.31
N ASN B 203 17.83 9.69 -36.88
CA ASN B 203 18.18 10.00 -38.26
C ASN B 203 18.26 11.52 -38.45
N VAL B 204 19.02 12.17 -37.57
CA VAL B 204 19.15 13.61 -37.58
C VAL B 204 20.63 13.97 -37.47
N ASN B 205 20.96 15.18 -37.93
CA ASN B 205 22.35 15.60 -37.95
C ASN B 205 22.82 15.95 -36.53
N ARG B 206 24.14 16.18 -36.42
CA ARG B 206 24.77 16.37 -35.12
C ARG B 206 24.33 17.68 -34.46
N ARG B 207 24.03 18.71 -35.26
CA ARG B 207 23.65 20.00 -34.69
C ARG B 207 22.35 19.90 -33.89
N ILE B 208 21.38 19.15 -34.42
CA ILE B 208 20.09 19.03 -33.75
C ILE B 208 20.23 18.24 -32.45
N VAL B 209 21.08 17.21 -32.46
CA VAL B 209 21.25 16.39 -31.25
C VAL B 209 21.92 17.20 -30.14
N ASN B 210 22.86 18.08 -30.51
CA ASN B 210 23.52 18.90 -29.50
C ASN B 210 22.53 19.85 -28.85
N LYS B 211 21.59 20.39 -29.62
CA LYS B 211 20.53 21.21 -29.03
C LYS B 211 19.61 20.36 -28.17
N LEU B 212 19.21 19.20 -28.66
CA LEU B 212 18.43 18.26 -27.86
C LEU B 212 19.06 18.04 -26.50
N GLN B 213 20.38 17.80 -26.49
CA GLN B 213 21.11 17.54 -25.24
C GLN B 213 21.44 18.80 -24.46
N GLY B 214 21.28 19.98 -25.05
CA GLY B 214 21.55 21.22 -24.35
C GLY B 214 23.00 21.47 -24.02
N ARG B 215 23.94 20.95 -24.83
CA ARG B 215 25.35 21.15 -24.55
C ARG B 215 25.73 22.63 -24.61
N ASN B 216 25.11 23.38 -25.53
CA ASN B 216 25.43 24.78 -25.73
C ASN B 216 24.78 25.70 -24.70
N GLU B 217 23.81 25.21 -23.93
CA GLU B 217 22.96 26.07 -23.13
C GLU B 217 23.67 26.58 -21.88
N ASP B 218 23.56 27.89 -21.63
CA ASP B 218 23.98 28.44 -20.36
C ASP B 218 23.20 27.81 -19.21
N GLU B 219 23.91 27.48 -18.13
CA GLU B 219 23.30 26.77 -17.02
C GLU B 219 22.25 27.58 -16.26
N GLU B 220 22.24 28.91 -16.41
CA GLU B 220 21.28 29.73 -15.69
C GLU B 220 19.99 29.98 -16.46
N LYS B 221 19.89 29.52 -17.72
CA LYS B 221 18.61 29.65 -18.42
C LYS B 221 17.50 28.98 -17.62
N GLY B 222 17.75 27.76 -17.15
CA GLY B 222 16.94 27.16 -16.12
C GLY B 222 15.68 26.49 -16.60
N ALA B 223 14.81 26.18 -15.63
CA ALA B 223 13.62 25.38 -15.88
C ALA B 223 12.51 26.20 -16.55
N ILE B 224 12.44 27.51 -16.26
CA ILE B 224 11.45 28.40 -16.85
C ILE B 224 12.19 29.37 -17.76
N VAL B 225 11.85 29.36 -19.06
CA VAL B 225 12.58 30.13 -20.05
C VAL B 225 11.65 31.14 -20.70
N LYS B 226 12.25 32.24 -21.14
CA LYS B 226 11.52 33.24 -21.91
C LYS B 226 11.30 32.73 -23.32
N VAL B 227 10.19 33.16 -23.91
CA VAL B 227 9.90 32.90 -25.32
C VAL B 227 9.56 34.26 -25.93
N LYS B 228 10.43 34.73 -26.83
CA LYS B 228 10.44 36.14 -27.19
C LYS B 228 9.19 36.53 -27.97
N GLY B 229 8.94 35.87 -29.10
CA GLY B 229 7.81 36.22 -29.93
C GLY B 229 6.46 35.77 -29.42
N GLY B 230 6.38 35.30 -28.18
CA GLY B 230 5.20 34.58 -27.74
C GLY B 230 5.19 33.23 -28.43
N LEU B 231 4.06 32.54 -28.31
CA LEU B 231 3.98 31.18 -28.80
C LEU B 231 2.64 30.91 -29.47
N SER B 232 2.70 30.27 -30.63
CA SER B 232 1.52 29.78 -31.33
C SER B 232 1.44 28.27 -31.19
N ILE B 233 0.38 27.80 -30.53
CA ILE B 233 0.04 26.39 -30.47
C ILE B 233 -1.38 26.23 -30.98
N ILE B 234 -1.76 24.98 -31.25
CA ILE B 234 -3.12 24.70 -31.73
C ILE B 234 -4.05 24.76 -30.52
N THR B 235 -4.95 25.74 -30.52
CA THR B 235 -5.98 25.84 -29.49
C THR B 235 -7.06 26.81 -29.94
N PRO B 236 -8.31 26.63 -29.53
CA PRO B 236 -9.40 27.46 -30.09
C PRO B 236 -9.30 28.91 -29.64
N PRO B 237 -9.89 29.84 -30.40
CA PRO B 237 -10.00 31.22 -29.92
C PRO B 237 -10.91 31.34 -28.70
N ILE B 297 -9.04 7.51 -20.13
CA ILE B 297 -8.59 7.67 -21.50
C ILE B 297 -7.67 8.89 -21.62
N CYS B 298 -7.21 9.13 -22.85
CA CYS B 298 -6.20 10.13 -23.11
C CYS B 298 -6.69 11.54 -22.84
N THR B 299 -7.94 11.82 -23.18
CA THR B 299 -8.49 13.18 -23.09
C THR B 299 -9.31 13.41 -21.82
N ALA B 300 -9.24 12.49 -20.86
CA ALA B 300 -9.96 12.60 -19.59
C ALA B 300 -9.66 13.94 -18.91
N ARG B 301 -10.56 14.41 -18.06
CA ARG B 301 -10.38 15.70 -17.41
C ARG B 301 -9.40 15.57 -16.26
N LEU B 302 -8.45 16.50 -16.21
CA LEU B 302 -7.38 16.47 -15.23
C LEU B 302 -7.28 17.74 -14.39
N HIS B 303 -8.19 18.69 -14.58
CA HIS B 303 -8.18 19.91 -13.80
C HIS B 303 -9.61 20.31 -13.45
N GLN B 304 -9.75 21.05 -12.36
CA GLN B 304 -11.03 21.55 -11.91
C GLN B 304 -10.79 22.80 -11.07
N ASN B 305 -11.61 23.81 -11.29
CA ASN B 305 -11.50 25.05 -10.52
C ASN B 305 -12.25 24.89 -9.20
N ILE B 306 -11.55 25.17 -8.09
CA ILE B 306 -12.14 25.13 -6.76
C ILE B 306 -12.10 26.49 -6.08
N GLY B 307 -11.77 27.55 -6.82
CA GLY B 307 -11.64 28.89 -6.26
C GLY B 307 -12.97 29.62 -6.15
N SER B 308 -12.85 30.92 -5.88
CA SER B 308 -14.02 31.76 -5.60
C SER B 308 -15.04 31.71 -6.72
N SER B 309 -14.60 31.53 -7.97
CA SER B 309 -15.53 31.54 -9.10
C SER B 309 -16.40 30.29 -9.16
N SER B 310 -16.00 29.22 -8.47
CA SER B 310 -16.75 27.97 -8.53
C SER B 310 -17.87 27.96 -7.49
N SER B 311 -18.78 27.01 -7.64
CA SER B 311 -19.87 26.85 -6.69
C SER B 311 -19.39 26.07 -5.48
N PRO B 312 -19.47 26.61 -4.27
CA PRO B 312 -18.88 25.94 -3.11
C PRO B 312 -19.75 24.79 -2.60
N ASP B 313 -19.10 23.90 -1.84
CA ASP B 313 -19.81 22.82 -1.16
C ASP B 313 -20.51 23.32 0.08
N ILE B 314 -19.89 24.26 0.79
CA ILE B 314 -20.37 24.79 2.06
C ILE B 314 -20.24 26.30 1.99
N TYR B 315 -21.33 27.02 2.32
CA TYR B 315 -21.30 28.47 2.19
C TYR B 315 -22.18 29.12 3.23
N ASN B 316 -21.63 30.13 3.89
CA ASN B 316 -22.38 30.99 4.81
C ASN B 316 -21.98 32.41 4.46
N PRO B 317 -22.91 33.25 3.98
CA PRO B 317 -22.52 34.58 3.49
C PRO B 317 -21.91 35.49 4.55
N GLN B 318 -21.99 35.16 5.84
CA GLN B 318 -21.33 35.96 6.87
C GLN B 318 -20.18 35.22 7.54
N ALA B 319 -19.72 34.09 6.97
CA ALA B 319 -18.60 33.38 7.55
C ALA B 319 -17.56 32.98 6.51
N GLY B 320 -17.98 32.37 5.41
CA GLY B 320 -17.05 31.95 4.37
C GLY B 320 -17.59 30.77 3.57
N ARG B 321 -16.66 30.02 2.98
CA ARG B 321 -17.01 28.94 2.07
C ARG B 321 -15.93 27.87 2.08
N ILE B 322 -16.32 26.65 1.68
CA ILE B 322 -15.38 25.55 1.44
C ILE B 322 -15.79 24.83 0.16
N LYS B 323 -14.78 24.41 -0.60
CA LYS B 323 -14.98 23.62 -1.82
C LYS B 323 -13.83 22.62 -1.92
N THR B 324 -14.15 21.34 -1.88
CA THR B 324 -13.17 20.28 -2.02
C THR B 324 -13.32 19.59 -3.37
N VAL B 325 -12.20 19.32 -4.02
CA VAL B 325 -12.17 18.45 -5.19
C VAL B 325 -11.68 17.08 -4.73
N THR B 326 -12.49 16.06 -4.98
CA THR B 326 -12.19 14.69 -4.61
C THR B 326 -12.33 13.82 -5.85
N SER B 327 -12.11 12.52 -5.68
CA SER B 327 -12.37 11.58 -6.78
C SER B 327 -13.86 11.47 -7.10
N PHE B 328 -14.75 12.00 -6.26
CA PHE B 328 -16.14 12.10 -6.64
C PHE B 328 -16.41 13.23 -7.63
N ASP B 329 -15.49 14.17 -7.78
CA ASP B 329 -15.59 15.24 -8.77
C ASP B 329 -14.65 15.01 -9.94
N LEU B 330 -13.47 14.47 -9.69
CA LEU B 330 -12.40 14.39 -10.68
C LEU B 330 -11.83 12.98 -10.61
N PRO B 331 -12.25 12.07 -11.51
CA PRO B 331 -11.89 10.66 -11.33
C PRO B 331 -10.40 10.38 -11.38
N ALA B 332 -9.62 11.22 -12.06
CA ALA B 332 -8.17 11.03 -12.07
C ALA B 332 -7.60 10.98 -10.66
N LEU B 333 -8.18 11.73 -9.72
CA LEU B 333 -7.67 11.74 -8.35
C LEU B 333 -7.78 10.37 -7.70
N ARG B 334 -8.67 9.50 -8.20
CA ARG B 334 -8.74 8.14 -7.71
C ARG B 334 -7.40 7.44 -7.89
N PHE B 335 -6.70 7.73 -8.99
CA PHE B 335 -5.38 7.14 -9.24
C PHE B 335 -4.29 7.82 -8.43
N LEU B 336 -4.36 9.15 -8.27
CA LEU B 336 -3.31 9.85 -7.54
C LEU B 336 -3.43 9.69 -6.03
N LYS B 337 -4.62 9.40 -5.52
CA LYS B 337 -4.87 9.33 -4.07
C LYS B 337 -4.61 10.68 -3.40
N LEU B 338 -4.99 11.76 -4.09
CA LEU B 338 -4.80 13.12 -3.61
C LEU B 338 -6.09 13.90 -3.80
N SER B 339 -6.28 14.90 -2.93
CA SER B 339 -7.41 15.82 -3.06
C SER B 339 -6.94 17.18 -2.60
N ALA B 340 -7.83 18.17 -2.71
CA ALA B 340 -7.52 19.52 -2.30
C ALA B 340 -8.78 20.20 -1.80
N GLU B 341 -8.60 21.08 -0.83
CA GLU B 341 -9.70 21.84 -0.23
C GLU B 341 -9.38 23.32 -0.34
N PHE B 342 -10.28 24.09 -0.91
CA PHE B 342 -10.21 25.54 -0.93
C PHE B 342 -11.22 26.11 0.06
N GLY B 343 -10.79 27.10 0.82
CA GLY B 343 -11.65 27.73 1.80
C GLY B 343 -11.35 29.21 1.90
N SER B 344 -12.38 29.96 2.31
CA SER B 344 -12.29 31.40 2.47
C SER B 344 -13.05 31.76 3.73
N LEU B 345 -12.43 32.56 4.59
CA LEU B 345 -12.98 32.82 5.92
C LEU B 345 -13.06 34.33 6.13
N HIS B 346 -14.25 34.82 6.46
CA HIS B 346 -14.46 36.25 6.65
C HIS B 346 -13.82 36.72 7.97
N LYS B 347 -13.57 38.02 8.03
CA LYS B 347 -12.91 38.61 9.20
C LYS B 347 -13.61 38.21 10.49
N ASN B 348 -12.83 37.68 11.43
CA ASN B 348 -13.29 37.27 12.75
C ASN B 348 -14.22 36.07 12.71
N ALA B 349 -14.52 35.53 11.52
CA ALA B 349 -15.24 34.27 11.43
C ALA B 349 -14.31 33.12 11.78
N MET B 350 -14.92 31.99 12.14
CA MET B 350 -14.19 30.82 12.59
C MET B 350 -14.75 29.59 11.86
N PHE B 351 -13.92 28.56 11.71
CA PHE B 351 -14.49 27.21 11.57
C PHE B 351 -14.14 26.40 12.80
N VAL B 352 -15.11 25.61 13.23
CA VAL B 352 -15.08 24.83 14.46
C VAL B 352 -13.88 23.89 14.49
N PRO B 353 -13.48 23.43 15.66
CA PRO B 353 -12.43 22.42 15.73
C PRO B 353 -12.84 21.16 14.98
N HIS B 354 -11.91 20.64 14.18
CA HIS B 354 -12.16 19.48 13.36
C HIS B 354 -10.85 18.78 13.08
N TYR B 355 -10.94 17.56 12.56
CA TYR B 355 -9.76 16.78 12.23
C TYR B 355 -10.03 15.97 10.96
N ASN B 356 -8.96 15.60 10.26
CA ASN B 356 -9.06 14.74 9.10
C ASN B 356 -8.89 13.29 9.54
N LEU B 357 -9.92 12.48 9.27
CA LEU B 357 -9.88 11.09 9.69
C LEU B 357 -8.76 10.32 9.00
N ASN B 358 -8.50 10.61 7.72
CA ASN B 358 -7.81 9.65 6.87
C ASN B 358 -6.81 10.33 5.94
N ALA B 359 -6.20 11.42 6.37
CA ALA B 359 -5.27 12.12 5.51
C ALA B 359 -4.44 13.09 6.33
N ASN B 360 -3.23 13.34 5.86
CA ASN B 360 -2.43 14.50 6.25
C ASN B 360 -2.80 15.68 5.34
N SER B 361 -2.76 16.89 5.89
CA SER B 361 -3.08 18.10 5.15
C SER B 361 -1.87 19.02 5.08
N ILE B 362 -1.64 19.59 3.91
CA ILE B 362 -0.65 20.64 3.74
C ILE B 362 -1.42 21.93 3.49
N LEU B 363 -1.52 22.76 4.51
CA LEU B 363 -2.28 24.00 4.47
C LEU B 363 -1.39 25.11 3.90
N TYR B 364 -1.80 25.69 2.78
CA TYR B 364 -1.06 26.77 2.13
C TYR B 364 -1.96 27.99 2.06
N ALA B 365 -1.58 29.06 2.76
CA ALA B 365 -2.40 30.26 2.77
C ALA B 365 -2.24 31.01 1.46
N LEU B 366 -3.37 31.46 0.91
CA LEU B 366 -3.40 32.17 -0.36
C LEU B 366 -3.59 33.67 -0.22
N LYS B 367 -4.21 34.13 0.87
CA LYS B 367 -4.62 35.52 0.98
C LYS B 367 -4.93 35.82 2.43
N GLY B 368 -4.38 36.92 2.94
CA GLY B 368 -4.66 37.35 4.29
C GLY B 368 -3.95 36.52 5.34
N ARG B 369 -4.44 36.63 6.57
CA ARG B 369 -3.86 35.98 7.73
C ARG B 369 -4.98 35.36 8.56
N ALA B 370 -4.61 34.33 9.32
CA ALA B 370 -5.54 33.73 10.27
C ALA B 370 -4.74 33.18 11.45
N ARG B 371 -5.42 33.11 12.59
CA ARG B 371 -4.87 32.48 13.79
C ARG B 371 -5.35 31.04 13.83
N LEU B 372 -4.40 30.10 13.80
CA LEU B 372 -4.71 28.68 13.77
C LEU B 372 -4.27 28.02 15.07
N GLN B 373 -5.02 27.02 15.49
CA GLN B 373 -4.72 26.22 16.66
C GLN B 373 -4.73 24.76 16.28
N ILE B 374 -3.63 24.06 16.53
CA ILE B 374 -3.50 22.64 16.26
C ILE B 374 -3.10 21.93 17.55
N VAL B 375 -3.85 20.89 17.92
CA VAL B 375 -3.58 20.16 19.15
C VAL B 375 -3.45 18.67 18.83
N ASN B 376 -2.55 18.00 19.56
CA ASN B 376 -2.20 16.62 19.30
C ASN B 376 -2.97 15.68 20.24
N CYS B 377 -2.55 14.41 20.30
CA CYS B 377 -3.29 13.42 21.07
C CYS B 377 -3.15 13.60 22.57
N LYS B 378 -2.10 14.30 23.02
CA LYS B 378 -1.95 14.62 24.44
C LYS B 378 -2.78 15.81 24.86
N GLY B 379 -3.52 16.44 23.93
CA GLY B 379 -4.20 17.67 24.25
C GLY B 379 -3.30 18.87 24.34
N ASN B 380 -2.10 18.80 23.76
CA ASN B 380 -1.16 19.91 23.78
C ASN B 380 -1.29 20.73 22.50
N SER B 381 -1.20 22.04 22.65
CA SER B 381 -1.09 22.92 21.50
C SER B 381 0.27 22.70 20.85
N VAL B 382 0.28 22.17 19.63
CA VAL B 382 1.51 22.08 18.86
C VAL B 382 1.67 23.24 17.89
N PHE B 383 0.64 24.09 17.77
CA PHE B 383 0.75 25.32 17.00
C PHE B 383 -0.31 26.28 17.49
N ASP B 384 0.11 27.51 17.77
CA ASP B 384 -0.79 28.61 18.06
C ASP B 384 -0.13 29.87 17.53
N GLY B 385 -0.68 30.42 16.46
CA GLY B 385 -0.04 31.53 15.79
C GLY B 385 -0.73 31.83 14.47
N GLU B 386 -0.11 32.73 13.73
CA GLU B 386 -0.68 33.22 12.48
C GLU B 386 -0.15 32.41 11.32
N LEU B 387 -1.03 32.13 10.36
CA LEU B 387 -0.64 31.62 9.06
C LEU B 387 -0.99 32.69 8.03
N GLU B 388 0.01 33.20 7.33
CA GLU B 388 -0.17 34.30 6.41
C GLU B 388 0.06 33.82 4.98
N ALA B 389 -0.53 34.57 4.04
CA ALA B 389 -0.42 34.24 2.62
C ALA B 389 1.02 33.91 2.25
N GLY B 390 1.19 32.81 1.53
CA GLY B 390 2.50 32.41 1.04
C GLY B 390 3.22 31.38 1.89
N ARG B 391 2.64 30.95 3.00
CA ARG B 391 3.28 30.00 3.89
C ARG B 391 2.48 28.71 4.00
N ALA B 392 3.17 27.65 4.39
CA ALA B 392 2.59 26.32 4.50
C ALA B 392 2.62 25.86 5.94
N LEU B 393 1.63 25.03 6.30
CA LEU B 393 1.51 24.46 7.63
C LEU B 393 0.97 23.05 7.50
N ILE B 394 1.64 22.08 8.11
CA ILE B 394 1.21 20.69 8.04
C ILE B 394 0.23 20.44 9.18
N VAL B 395 -0.91 19.85 8.85
CA VAL B 395 -1.89 19.38 9.82
C VAL B 395 -1.85 17.86 9.78
N PRO B 396 -1.20 17.18 10.73
CA PRO B 396 -1.15 15.72 10.68
C PRO B 396 -2.54 15.10 10.81
N GLN B 397 -2.68 13.91 10.21
CA GLN B 397 -3.90 13.12 10.38
C GLN B 397 -4.31 13.08 11.85
N ASN B 398 -5.60 13.32 12.08
CA ASN B 398 -6.26 13.16 13.39
C ASN B 398 -5.96 14.29 14.38
N PHE B 399 -4.92 15.09 14.11
CA PHE B 399 -4.71 16.29 14.90
C PHE B 399 -5.88 17.25 14.71
N ALA B 400 -6.39 17.80 15.80
CA ALA B 400 -7.50 18.75 15.72
C ALA B 400 -6.98 20.13 15.36
N ILE B 401 -7.81 20.87 14.61
CA ILE B 401 -7.43 22.21 14.15
C ILE B 401 -8.67 23.10 14.18
N ALA B 402 -8.44 24.38 14.49
CA ALA B 402 -9.45 25.41 14.45
C ALA B 402 -8.79 26.69 13.96
N ALA B 403 -9.60 27.62 13.47
CA ALA B 403 -9.06 28.82 12.84
C ALA B 403 -9.98 30.01 13.07
N LYS B 404 -9.37 31.19 13.09
CA LYS B 404 -10.10 32.45 13.10
C LYS B 404 -9.39 33.42 12.17
N SER B 405 -10.15 33.99 11.23
CA SER B 405 -9.59 34.91 10.26
C SER B 405 -9.31 36.27 10.88
N LEU B 406 -8.17 36.84 10.50
CA LEU B 406 -7.76 38.18 10.93
C LEU B 406 -7.81 39.18 9.77
N SER B 407 -8.49 38.83 8.68
CA SER B 407 -8.49 39.65 7.48
C SER B 407 -9.89 39.68 6.89
N ASP B 408 -10.11 40.65 6.01
CA ASP B 408 -11.37 40.71 5.26
C ASP B 408 -11.71 39.34 4.70
N ARG B 409 -10.75 38.72 4.02
CA ARG B 409 -10.87 37.34 3.54
C ARG B 409 -9.57 36.62 3.81
N PHE B 410 -9.60 35.62 4.67
CA PHE B 410 -8.54 34.63 4.72
C PHE B 410 -8.93 33.46 3.83
N SER B 411 -8.06 33.10 2.89
CA SER B 411 -8.33 31.99 1.99
C SER B 411 -7.08 31.13 1.86
N TYR B 412 -7.30 29.85 1.57
CA TYR B 412 -6.25 28.86 1.61
C TYR B 412 -6.58 27.74 0.64
N VAL B 413 -5.57 26.94 0.33
CA VAL B 413 -5.74 25.65 -0.32
C VAL B 413 -5.05 24.60 0.53
N ALA B 414 -5.76 23.55 0.86
CA ALA B 414 -5.23 22.46 1.68
C ALA B 414 -5.12 21.22 0.78
N PHE B 415 -3.89 20.80 0.52
CA PHE B 415 -3.65 19.55 -0.18
C PHE B 415 -3.75 18.41 0.83
N LYS B 416 -4.40 17.31 0.42
CA LYS B 416 -4.63 16.20 1.33
C LYS B 416 -4.20 14.88 0.69
N THR B 417 -3.52 14.06 1.47
CA THR B 417 -2.97 12.79 0.99
C THR B 417 -4.02 11.69 1.02
N ASN B 418 -5.15 11.95 0.38
CA ASN B 418 -6.21 10.97 0.21
C ASN B 418 -7.21 11.54 -0.79
N ASP B 419 -7.58 10.75 -1.81
CA ASP B 419 -8.53 11.26 -2.79
C ASP B 419 -9.90 11.47 -2.20
N ARG B 420 -10.17 10.91 -1.01
CA ARG B 420 -11.46 11.02 -0.34
C ARG B 420 -11.26 11.38 1.13
N ALA B 421 -10.64 12.53 1.37
CA ALA B 421 -10.40 12.98 2.75
C ALA B 421 -11.72 13.32 3.42
N ALA B 422 -11.93 12.77 4.61
CA ALA B 422 -13.14 12.98 5.39
C ALA B 422 -12.84 13.86 6.60
N ILE B 423 -13.74 14.79 6.89
CA ILE B 423 -13.60 15.74 7.99
C ILE B 423 -14.48 15.30 9.15
N GLY B 424 -13.92 15.28 10.34
CA GLY B 424 -14.68 15.12 11.56
C GLY B 424 -14.78 16.43 12.29
N ARG B 425 -16.01 16.92 12.42
CA ARG B 425 -16.27 18.15 13.16
C ARG B 425 -16.55 17.80 14.60
N LEU B 426 -15.74 18.34 15.51
CA LEU B 426 -15.87 18.01 16.93
C LEU B 426 -17.02 18.76 17.58
N LEU B 427 -17.29 19.99 17.13
CA LEU B 427 -18.37 20.81 17.65
C LEU B 427 -19.18 21.38 16.50
N GLY B 428 -20.42 21.72 16.81
CA GLY B 428 -21.33 22.31 15.85
C GLY B 428 -22.55 21.41 15.63
N ALA B 429 -23.44 21.89 14.76
CA ALA B 429 -24.66 21.17 14.47
C ALA B 429 -24.32 19.85 13.78
N SER B 430 -24.92 18.77 14.28
CA SER B 430 -24.64 17.42 13.76
C SER B 430 -23.15 17.08 13.82
N SER B 431 -22.44 17.68 14.76
CA SER B 431 -21.03 17.38 14.98
C SER B 431 -20.90 16.04 15.69
N LEU B 432 -19.66 15.62 15.93
CA LEU B 432 -19.45 14.34 16.60
C LEU B 432 -19.95 14.37 18.04
N ILE B 433 -19.89 15.53 18.70
CA ILE B 433 -20.43 15.63 20.05
C ILE B 433 -21.96 15.61 20.01
N ASN B 434 -22.56 16.28 19.03
CA ASN B 434 -24.02 16.27 18.90
C ASN B 434 -24.54 14.88 18.55
N GLY B 435 -23.71 14.02 17.97
CA GLY B 435 -24.10 12.67 17.67
C GLY B 435 -24.08 11.71 18.83
N MET B 436 -23.60 12.17 20.04
CA MET B 436 -23.61 11.35 21.25
C MET B 436 -24.88 11.59 22.06
N PRO B 437 -25.40 10.57 22.74
CA PRO B 437 -26.55 10.81 23.63
C PRO B 437 -26.24 11.88 24.66
N GLU B 438 -27.25 12.68 25.00
CA GLU B 438 -27.02 13.80 25.90
C GLU B 438 -26.46 13.34 27.24
N GLU B 439 -26.98 12.22 27.78
CA GLU B 439 -26.47 11.72 29.04
C GLU B 439 -25.07 11.12 28.90
N VAL B 440 -24.68 10.71 27.70
CA VAL B 440 -23.28 10.34 27.47
C VAL B 440 -22.40 11.58 27.52
N VAL B 441 -22.85 12.68 26.90
CA VAL B 441 -22.12 13.94 26.98
C VAL B 441 -22.03 14.41 28.43
N ALA B 442 -23.16 14.38 29.14
CA ALA B 442 -23.18 14.85 30.53
C ALA B 442 -22.19 14.08 31.38
N ALA B 443 -22.25 12.74 31.31
CA ALA B 443 -21.36 11.92 32.13
C ALA B 443 -19.90 12.10 31.72
N ALA B 444 -19.64 12.20 30.41
CA ALA B 444 -18.26 12.28 29.93
C ALA B 444 -17.58 13.55 30.44
N PHE B 445 -18.29 14.68 30.42
CA PHE B 445 -17.72 15.96 30.82
C PHE B 445 -18.18 16.40 32.20
N ASN B 446 -18.93 15.57 32.92
CA ASN B 446 -19.49 15.90 34.22
C ASN B 446 -20.24 17.24 34.15
N MET B 447 -21.19 17.30 33.22
CA MET B 447 -22.00 18.48 32.97
C MET B 447 -23.42 18.24 33.46
N GLU B 448 -24.11 19.33 33.81
CA GLU B 448 -25.54 19.24 34.00
C GLU B 448 -26.21 18.91 32.67
N ARG B 449 -27.38 18.29 32.75
CA ARG B 449 -28.13 17.98 31.53
C ARG B 449 -28.29 19.23 30.67
N ASN B 450 -28.66 20.35 31.29
CA ASN B 450 -28.87 21.58 30.55
C ASN B 450 -27.56 22.12 29.97
N GLU B 451 -26.43 21.85 30.63
CA GLU B 451 -25.15 22.28 30.07
C GLU B 451 -24.79 21.49 28.83
N ALA B 452 -25.08 20.19 28.82
CA ALA B 452 -24.84 19.39 27.62
C ALA B 452 -25.70 19.87 26.45
N ARG B 453 -26.96 20.22 26.72
CA ARG B 453 -27.82 20.73 25.66
C ARG B 453 -27.28 22.04 25.09
N GLN B 454 -26.77 22.93 25.97
CA GLN B 454 -26.17 24.16 25.49
C GLN B 454 -24.94 23.88 24.64
N LEU B 455 -24.10 22.94 25.07
CA LEU B 455 -22.95 22.56 24.26
C LEU B 455 -23.38 22.16 22.85
N LYS B 456 -24.50 21.45 22.74
CA LYS B 456 -24.97 20.98 21.44
C LYS B 456 -25.61 22.09 20.62
N PHE B 457 -26.46 22.91 21.25
CA PHE B 457 -27.46 23.67 20.52
C PHE B 457 -27.42 25.19 20.73
N ASN B 458 -26.48 25.72 21.51
CA ASN B 458 -26.40 27.17 21.64
C ASN B 458 -25.99 27.82 20.33
N SER B 459 -25.04 27.22 19.60
CA SER B 459 -24.66 27.68 18.28
C SER B 459 -25.34 26.83 17.21
N PRO B 460 -26.06 27.42 16.25
CA PRO B 460 -26.78 26.62 15.25
C PRO B 460 -25.98 26.24 14.02
N PHE B 461 -24.73 26.67 13.90
CA PHE B 461 -23.97 26.52 12.66
C PHE B 461 -23.20 25.20 12.64
N SER B 462 -22.97 24.69 11.42
CA SER B 462 -22.32 23.39 11.25
C SER B 462 -20.80 23.50 11.36
N PHE B 463 -20.20 24.21 10.40
CA PHE B 463 -18.76 24.25 10.27
C PHE B 463 -18.19 25.66 10.35
N LEU B 464 -18.81 26.63 9.67
CA LEU B 464 -18.39 28.01 9.71
C LEU B 464 -19.22 28.79 10.73
N VAL B 465 -18.56 29.61 11.53
CA VAL B 465 -19.19 30.38 12.59
C VAL B 465 -18.99 31.86 12.31
N PRO B 466 -20.04 32.65 12.12
CA PRO B 466 -19.87 34.09 11.91
C PRO B 466 -19.28 34.77 13.13
N PRO B 467 -18.76 35.98 12.97
CA PRO B 467 -18.15 36.69 14.10
C PRO B 467 -19.14 36.92 15.24
N ARG B 468 -18.58 37.05 16.44
CA ARG B 468 -19.32 37.48 17.62
C ARG B 468 -20.58 36.66 17.83
N ASN C 9 19.22 6.46 0.99
CA ASN C 9 18.14 6.36 0.01
C ASN C 9 18.48 5.32 -1.05
N GLU C 10 17.74 4.20 -1.02
CA GLU C 10 18.18 2.99 -1.71
C GLU C 10 18.34 3.19 -3.21
N CYS C 11 17.62 4.15 -3.81
CA CYS C 11 17.58 4.29 -5.25
C CYS C 11 18.34 5.50 -5.78
N GLN C 12 19.09 6.21 -4.94
CA GLN C 12 20.03 7.22 -5.41
C GLN C 12 21.26 6.49 -5.94
N LEU C 13 21.09 5.88 -7.10
CA LEU C 13 22.10 5.02 -7.72
C LEU C 13 22.85 5.82 -8.78
N GLU C 14 24.17 5.91 -8.63
CA GLU C 14 25.01 6.61 -9.59
C GLU C 14 25.65 5.67 -10.61
N HIS C 15 25.73 4.37 -10.31
CA HIS C 15 26.47 3.45 -11.15
C HIS C 15 25.86 2.06 -11.04
N LEU C 16 25.53 1.47 -12.19
CA LEU C 16 24.97 0.12 -12.24
C LEU C 16 25.94 -0.80 -12.95
N ASN C 17 25.85 -2.09 -12.64
CA ASN C 17 26.68 -3.12 -13.26
C ASN C 17 25.81 -4.31 -13.64
N ALA C 18 26.16 -4.94 -14.76
CA ALA C 18 25.56 -6.22 -15.12
C ALA C 18 25.93 -7.27 -14.08
N LEU C 19 24.92 -7.91 -13.50
CA LEU C 19 25.09 -8.77 -12.35
C LEU C 19 24.95 -10.23 -12.72
N GLU C 20 25.78 -11.06 -12.10
CA GLU C 20 25.70 -12.50 -12.15
C GLU C 20 25.28 -13.02 -10.77
N PRO C 21 24.79 -14.26 -10.69
CA PRO C 21 24.56 -14.85 -9.37
C PRO C 21 25.86 -14.91 -8.58
N ASP C 22 25.76 -14.70 -7.28
CA ASP C 22 26.91 -14.76 -6.38
C ASP C 22 26.87 -15.97 -5.46
N ASN C 23 25.93 -16.89 -5.67
CA ASN C 23 25.84 -18.09 -4.86
C ASN C 23 25.27 -19.22 -5.70
N ARG C 24 25.84 -20.41 -5.54
CA ARG C 24 25.42 -21.61 -6.24
C ARG C 24 25.18 -22.71 -5.23
N ILE C 25 24.02 -23.35 -5.31
CA ILE C 25 23.68 -24.47 -4.44
C ILE C 25 23.41 -25.67 -5.34
N LYS C 26 24.35 -26.62 -5.35
CA LYS C 26 24.19 -27.85 -6.11
C LYS C 26 23.34 -28.83 -5.32
N SER C 27 22.39 -29.47 -6.01
CA SER C 27 21.54 -30.49 -5.40
C SER C 27 21.57 -31.74 -6.29
N GLU C 28 20.96 -32.80 -5.77
CA GLU C 28 21.03 -34.10 -6.45
C GLU C 28 20.56 -34.01 -7.90
N GLY C 29 19.47 -33.28 -8.14
CA GLY C 29 18.85 -33.26 -9.45
C GLY C 29 19.05 -31.98 -10.24
N GLY C 30 19.79 -31.02 -9.68
CA GLY C 30 20.01 -29.79 -10.40
C GLY C 30 20.80 -28.73 -9.67
N LEU C 31 20.51 -27.47 -10.00
CA LEU C 31 21.30 -26.33 -9.56
C LEU C 31 20.37 -25.15 -9.31
N ILE C 32 20.63 -24.41 -8.24
CA ILE C 32 19.91 -23.17 -7.94
C ILE C 32 20.94 -22.08 -7.74
N GLU C 33 20.80 -20.98 -8.49
CA GLU C 33 21.69 -19.83 -8.42
C GLU C 33 20.88 -18.62 -7.98
N THR C 34 21.46 -17.84 -7.06
CA THR C 34 20.81 -16.67 -6.51
C THR C 34 21.65 -15.42 -6.71
N TRP C 35 21.00 -14.31 -7.08
CA TRP C 35 21.60 -13.00 -7.03
C TRP C 35 21.48 -12.43 -5.61
N ASN C 36 22.46 -11.63 -5.22
CA ASN C 36 22.48 -11.07 -3.87
C ASN C 36 21.33 -10.10 -3.68
N PRO C 37 20.35 -10.40 -2.81
CA PRO C 37 19.23 -9.47 -2.62
C PRO C 37 19.61 -8.19 -1.88
N SER C 38 20.76 -8.17 -1.22
CA SER C 38 21.23 -6.97 -0.52
C SER C 38 22.09 -6.07 -1.39
N ASN C 39 22.40 -6.49 -2.62
CA ASN C 39 23.06 -5.61 -3.56
C ASN C 39 22.19 -4.38 -3.81
N LYS C 40 22.84 -3.22 -3.98
CA LYS C 40 22.13 -1.95 -4.03
C LYS C 40 21.04 -1.94 -5.11
N GLN C 41 21.29 -2.60 -6.24
CA GLN C 41 20.31 -2.61 -7.32
C GLN C 41 19.05 -3.33 -6.89
N PHE C 42 19.19 -4.51 -6.26
CA PHE C 42 18.02 -5.28 -5.89
C PHE C 42 17.28 -4.67 -4.71
N ARG C 43 17.97 -3.96 -3.81
CA ARG C 43 17.23 -3.27 -2.76
C ARG C 43 16.48 -2.06 -3.31
N CYS C 44 17.03 -1.36 -4.30
CA CYS C 44 16.27 -0.29 -4.96
C CYS C 44 15.02 -0.86 -5.61
N ALA C 45 15.17 -1.94 -6.38
CA ALA C 45 14.02 -2.56 -7.02
C ALA C 45 13.08 -3.18 -5.99
N GLY C 46 13.62 -3.69 -4.90
CA GLY C 46 12.81 -4.34 -3.89
C GLY C 46 12.41 -5.75 -4.25
N VAL C 47 13.32 -6.52 -4.84
CA VAL C 47 13.04 -7.87 -5.33
C VAL C 47 14.26 -8.74 -5.13
N ALA C 48 14.07 -10.03 -5.34
CA ALA C 48 15.16 -11.00 -5.38
C ALA C 48 15.04 -11.82 -6.65
N LEU C 49 16.18 -12.29 -7.15
CA LEU C 49 16.23 -13.03 -8.40
C LEU C 49 17.00 -14.33 -8.19
N SER C 50 16.47 -15.41 -8.75
CA SER C 50 17.11 -16.72 -8.65
C SER C 50 16.93 -17.45 -9.98
N ARG C 51 17.82 -18.41 -10.22
CA ARG C 51 17.81 -19.21 -11.44
C ARG C 51 17.97 -20.67 -11.06
N ALA C 52 17.01 -21.50 -11.47
CA ALA C 52 17.00 -22.92 -11.15
C ALA C 52 17.17 -23.75 -12.42
N THR C 53 17.99 -24.79 -12.34
CA THR C 53 18.24 -25.70 -13.45
C THR C 53 17.84 -27.11 -13.03
N LEU C 54 16.92 -27.72 -13.78
CA LEU C 54 16.42 -29.06 -13.49
C LEU C 54 16.94 -30.02 -14.55
N GLN C 55 17.74 -30.98 -14.12
CA GLN C 55 18.19 -32.02 -15.02
C GLN C 55 17.02 -32.89 -15.43
N PRO C 56 17.19 -33.71 -16.47
CA PRO C 56 16.12 -34.63 -16.86
C PRO C 56 15.63 -35.48 -15.70
N ASN C 57 14.32 -35.71 -15.67
CA ASN C 57 13.68 -36.53 -14.62
C ASN C 57 14.08 -36.06 -13.23
N SER C 58 14.09 -34.76 -13.01
CA SER C 58 14.37 -34.18 -11.70
C SER C 58 13.17 -33.35 -11.26
N LEU C 59 13.00 -33.27 -9.94
CA LEU C 59 11.81 -32.69 -9.33
C LEU C 59 12.20 -31.55 -8.41
N ARG C 60 11.71 -30.35 -8.71
CA ARG C 60 11.75 -29.24 -7.77
C ARG C 60 10.68 -29.47 -6.71
N ARG C 61 11.09 -29.75 -5.48
CA ARG C 61 10.16 -30.20 -4.47
C ARG C 61 9.27 -29.05 -3.98
N PRO C 62 8.05 -29.37 -3.53
CA PRO C 62 7.07 -28.33 -3.25
C PRO C 62 7.52 -27.36 -2.17
N PHE C 63 7.26 -26.08 -2.40
CA PHE C 63 7.58 -25.03 -1.46
C PHE C 63 6.60 -23.89 -1.66
N TYR C 64 6.42 -23.07 -0.62
CA TYR C 64 5.67 -21.83 -0.76
C TYR C 64 6.52 -20.67 -0.26
N THR C 65 6.18 -19.48 -0.75
CA THR C 65 6.97 -18.27 -0.52
C THR C 65 6.04 -17.16 -0.03
N ASN C 66 6.58 -16.30 0.83
CA ASN C 66 5.80 -15.23 1.45
C ASN C 66 5.73 -13.97 0.59
N ALA C 67 5.79 -14.11 -0.74
CA ALA C 67 5.70 -12.98 -1.64
C ALA C 67 5.33 -13.50 -3.03
N PRO C 68 4.77 -12.65 -3.89
CA PRO C 68 4.42 -13.11 -5.24
C PRO C 68 5.67 -13.32 -6.09
N GLN C 69 5.55 -14.27 -7.02
CA GLN C 69 6.64 -14.61 -7.93
C GLN C 69 6.16 -14.66 -9.37
N GLU C 70 7.08 -14.34 -10.28
CA GLU C 70 6.95 -14.66 -11.69
C GLU C 70 8.11 -15.58 -12.06
N ILE C 71 7.82 -16.67 -12.76
CA ILE C 71 8.84 -17.61 -13.21
C ILE C 71 8.83 -17.61 -14.73
N PHE C 72 9.99 -17.37 -15.32
CA PHE C 72 10.16 -17.43 -16.76
C PHE C 72 10.94 -18.69 -17.12
N ILE C 73 10.39 -19.48 -18.06
CA ILE C 73 11.03 -20.70 -18.51
C ILE C 73 12.01 -20.30 -19.62
N GLN C 74 13.27 -20.13 -19.23
CA GLN C 74 14.31 -19.81 -20.20
C GLN C 74 14.52 -20.94 -21.19
N GLN C 75 14.36 -22.18 -20.74
CA GLN C 75 14.71 -23.33 -21.56
C GLN C 75 14.01 -24.55 -21.02
N GLY C 76 13.60 -25.45 -21.92
CA GLY C 76 13.11 -26.75 -21.53
C GLY C 76 11.60 -26.82 -21.46
N ASN C 77 11.14 -27.99 -21.03
CA ASN C 77 9.72 -28.33 -20.99
C ASN C 77 9.47 -29.28 -19.83
N GLY C 78 8.26 -29.25 -19.29
CA GLY C 78 7.92 -30.12 -18.18
C GLY C 78 6.56 -29.81 -17.63
N TYR C 79 6.35 -30.21 -16.38
CA TYR C 79 5.08 -30.06 -15.70
C TYR C 79 5.27 -29.24 -14.43
N PHE C 80 4.26 -28.45 -14.09
CA PHE C 80 4.21 -27.77 -12.81
C PHE C 80 2.84 -27.92 -12.18
N GLY C 81 2.82 -27.84 -10.85
CA GLY C 81 1.58 -27.88 -10.12
C GLY C 81 1.57 -26.82 -9.05
N MET C 82 0.51 -26.03 -9.02
CA MET C 82 0.24 -25.13 -7.91
C MET C 82 -0.90 -25.71 -7.10
N VAL C 83 -0.71 -25.75 -5.79
CA VAL C 83 -1.64 -26.44 -4.89
C VAL C 83 -2.28 -25.36 -4.02
N PHE C 84 -3.60 -25.18 -4.19
CA PHE C 84 -4.30 -24.06 -3.58
C PHE C 84 -5.10 -24.49 -2.37
N PRO C 85 -5.23 -23.62 -1.38
CA PRO C 85 -6.18 -23.88 -0.29
C PRO C 85 -7.61 -23.85 -0.80
N GLY C 86 -8.45 -24.67 -0.18
CA GLY C 86 -9.87 -24.64 -0.48
C GLY C 86 -10.25 -25.16 -1.84
N CYS C 87 -9.39 -25.95 -2.48
CA CYS C 87 -9.64 -26.48 -3.81
C CYS C 87 -9.59 -28.00 -3.78
N VAL C 88 -10.54 -28.62 -4.47
CA VAL C 88 -10.62 -30.07 -4.48
C VAL C 88 -9.69 -30.63 -5.57
N GLU C 89 -9.37 -31.92 -5.44
CA GLU C 89 -8.64 -32.63 -6.47
C GLU C 89 -9.58 -32.88 -7.66
N THR C 90 -9.36 -32.17 -8.77
CA THR C 90 -10.19 -32.34 -9.95
C THR C 90 -9.65 -33.37 -10.93
N PHE C 91 -8.44 -33.87 -10.71
CA PHE C 91 -7.88 -34.96 -11.50
C PHE C 91 -8.04 -36.26 -10.71
N GLU C 92 -8.72 -37.23 -11.31
CA GLU C 92 -9.15 -38.46 -10.65
C GLU C 92 -8.93 -39.64 -11.57
N GLU C 93 -8.43 -40.76 -11.03
CA GLU C 93 -8.30 -41.97 -11.83
C GLU C 93 -8.64 -43.21 -11.01
N PRO C 94 -9.42 -44.15 -11.57
CA PRO C 94 -9.90 -45.29 -10.77
C PRO C 94 -8.81 -46.24 -10.30
N ARG C 95 -9.20 -47.05 -9.31
CA ARG C 95 -8.65 -48.37 -8.98
C ARG C 95 -8.26 -48.41 -7.50
N LYS C 104 -9.57 -45.80 -2.74
CA LYS C 104 -10.69 -45.13 -3.40
C LYS C 104 -10.29 -44.74 -4.83
N PHE C 105 -9.06 -44.25 -4.99
CA PHE C 105 -8.49 -43.92 -6.28
C PHE C 105 -7.09 -44.52 -6.39
N ARG C 106 -6.64 -44.69 -7.64
CA ARG C 106 -5.24 -45.03 -7.87
C ARG C 106 -4.36 -43.80 -7.70
N ASP C 107 -4.86 -42.64 -8.10
CA ASP C 107 -4.13 -41.38 -7.97
C ASP C 107 -5.17 -40.25 -7.99
N SER C 108 -4.80 -39.13 -7.36
CA SER C 108 -5.73 -38.02 -7.19
C SER C 108 -4.94 -36.77 -6.85
N HIS C 109 -5.22 -35.65 -7.53
CA HIS C 109 -4.51 -34.42 -7.23
C HIS C 109 -5.19 -33.22 -7.90
N GLN C 110 -4.70 -32.04 -7.56
CA GLN C 110 -5.16 -30.83 -8.22
C GLN C 110 -4.58 -30.75 -9.63
N LYS C 111 -5.21 -29.88 -10.42
CA LYS C 111 -4.81 -29.68 -11.81
C LYS C 111 -3.30 -29.47 -11.93
N VAL C 112 -2.71 -30.12 -12.94
CA VAL C 112 -1.31 -29.91 -13.28
C VAL C 112 -1.25 -29.35 -14.69
N ASN C 113 -0.16 -28.63 -14.98
CA ASN C 113 -0.01 -27.91 -16.23
C ASN C 113 1.33 -28.25 -16.87
N ARG C 114 1.33 -28.33 -18.20
CA ARG C 114 2.56 -28.37 -18.96
C ARG C 114 3.10 -26.96 -19.10
N PHE C 115 4.42 -26.81 -18.99
CA PHE C 115 5.09 -25.55 -19.26
C PHE C 115 6.09 -25.76 -20.38
N ARG C 116 6.39 -24.69 -21.11
CA ARG C 116 7.36 -24.76 -22.20
C ARG C 116 8.17 -23.48 -22.23
N GLU C 117 9.24 -23.50 -23.03
CA GLU C 117 10.12 -22.36 -23.15
C GLU C 117 9.34 -21.11 -23.54
N GLY C 118 9.57 -20.02 -22.81
CA GLY C 118 8.88 -18.78 -23.06
C GLY C 118 7.70 -18.54 -22.16
N ASP C 119 7.34 -19.49 -21.30
CA ASP C 119 6.20 -19.32 -20.39
C ASP C 119 6.58 -18.44 -19.21
N ILE C 120 5.67 -17.53 -18.86
CA ILE C 120 5.66 -16.85 -17.57
C ILE C 120 4.67 -17.59 -16.68
N ILE C 121 5.09 -17.93 -15.47
CA ILE C 121 4.23 -18.56 -14.47
C ILE C 121 4.07 -17.59 -13.31
N ALA C 122 2.82 -17.36 -12.90
CA ALA C 122 2.51 -16.51 -11.76
C ALA C 122 2.22 -17.40 -10.56
N VAL C 123 2.99 -17.23 -9.50
CA VAL C 123 2.83 -17.98 -8.26
C VAL C 123 2.32 -17.00 -7.19
N PRO C 124 1.05 -17.06 -6.81
CA PRO C 124 0.57 -16.13 -5.78
C PRO C 124 1.24 -16.38 -4.44
N THR C 125 1.20 -15.33 -3.61
CA THR C 125 1.81 -15.37 -2.29
C THR C 125 1.27 -16.54 -1.48
N GLY C 126 2.20 -17.33 -0.94
CA GLY C 126 1.84 -18.38 -0.01
C GLY C 126 1.37 -19.67 -0.66
N VAL C 127 1.27 -19.71 -1.99
CA VAL C 127 0.75 -20.86 -2.68
C VAL C 127 1.88 -21.86 -2.90
N VAL C 128 1.59 -23.14 -2.64
CA VAL C 128 2.58 -24.20 -2.84
C VAL C 128 2.79 -24.43 -4.33
N PHE C 129 4.05 -24.64 -4.70
CA PHE C 129 4.46 -24.79 -6.09
C PHE C 129 5.50 -25.89 -6.20
N TRP C 130 5.33 -26.76 -7.20
CA TRP C 130 6.36 -27.75 -7.54
C TRP C 130 6.47 -27.81 -9.05
N MET C 131 7.59 -28.38 -9.51
CA MET C 131 7.96 -28.37 -10.92
C MET C 131 8.75 -29.64 -11.21
N PHE C 132 8.52 -30.21 -12.40
CA PHE C 132 9.14 -31.48 -12.79
C PHE C 132 9.61 -31.38 -14.23
N ASN C 133 10.88 -31.74 -14.46
CA ASN C 133 11.43 -31.80 -15.81
C ASN C 133 11.17 -33.18 -16.40
N ASP C 134 10.42 -33.20 -17.49
CA ASP C 134 9.89 -34.42 -18.10
C ASP C 134 10.67 -34.86 -19.33
N GLN C 135 11.78 -34.21 -19.64
CA GLN C 135 12.43 -34.36 -20.94
C GLN C 135 13.92 -34.61 -20.77
N ASP C 136 14.57 -34.86 -21.91
CA ASP C 136 16.01 -35.08 -21.97
C ASP C 136 16.81 -33.80 -21.90
N THR C 137 16.14 -32.61 -21.98
CA THR C 137 16.82 -31.33 -21.97
C THR C 137 16.72 -30.70 -20.58
N PRO C 138 17.76 -30.04 -20.08
CA PRO C 138 17.62 -29.34 -18.79
C PRO C 138 16.63 -28.20 -18.89
N VAL C 139 15.85 -28.04 -17.83
CA VAL C 139 14.97 -26.87 -17.69
C VAL C 139 15.73 -25.80 -16.93
N ILE C 140 15.69 -24.57 -17.44
CA ILE C 140 16.25 -23.42 -16.74
C ILE C 140 15.11 -22.45 -16.48
N ALA C 141 14.87 -22.14 -15.21
CA ALA C 141 13.75 -21.30 -14.79
C ALA C 141 14.31 -20.13 -13.99
N VAL C 142 14.00 -18.92 -14.41
CA VAL C 142 14.41 -17.69 -13.73
C VAL C 142 13.18 -17.14 -13.00
N SER C 143 13.29 -16.99 -11.69
CA SER C 143 12.17 -16.56 -10.87
C SER C 143 12.47 -15.25 -10.16
N LEU C 144 11.49 -14.35 -10.19
CA LEU C 144 11.57 -13.03 -9.56
C LEU C 144 10.65 -13.04 -8.35
N ILE C 145 11.20 -12.67 -7.18
CA ILE C 145 10.45 -12.64 -5.93
C ILE C 145 10.30 -11.19 -5.51
N ASP C 146 9.05 -10.73 -5.38
CA ASP C 146 8.78 -9.33 -5.02
C ASP C 146 8.67 -9.22 -3.50
N THR C 147 9.85 -9.17 -2.86
CA THR C 147 9.91 -9.15 -1.40
C THR C 147 9.35 -7.88 -0.79
N SER C 148 9.29 -6.79 -1.54
CA SER C 148 8.73 -5.54 -1.03
C SER C 148 7.24 -5.39 -1.34
N SER C 149 6.61 -6.44 -1.87
CA SER C 149 5.17 -6.43 -2.06
C SER C 149 4.45 -6.20 -0.74
N PHE C 150 3.29 -5.54 -0.82
CA PHE C 150 2.47 -5.34 0.36
C PHE C 150 1.89 -6.65 0.88
N GLN C 151 1.87 -7.69 0.05
CA GLN C 151 1.41 -9.02 0.48
C GLN C 151 2.46 -9.73 1.34
N ASN C 152 3.70 -9.26 1.33
CA ASN C 152 4.72 -9.78 2.24
C ASN C 152 4.62 -8.99 3.53
N GLN C 153 3.98 -9.59 4.53
CA GLN C 153 3.81 -8.95 5.82
C GLN C 153 4.91 -9.32 6.81
N LEU C 154 5.97 -9.97 6.34
CA LEU C 154 7.13 -10.26 7.18
C LEU C 154 8.20 -9.19 6.98
N ASP C 155 9.31 -9.55 6.34
CA ASP C 155 10.40 -8.62 6.06
C ASP C 155 10.96 -8.92 4.68
N GLN C 156 12.01 -8.19 4.31
CA GLN C 156 12.56 -8.21 2.96
C GLN C 156 13.46 -9.42 2.70
N MET C 157 13.71 -10.26 3.70
CA MET C 157 14.53 -11.45 3.49
C MET C 157 13.71 -12.52 2.76
N PRO C 158 14.07 -12.90 1.54
CA PRO C 158 13.29 -13.92 0.85
C PRO C 158 13.37 -15.24 1.60
N ARG C 159 12.21 -15.88 1.77
CA ARG C 159 12.09 -17.12 2.50
C ARG C 159 11.44 -18.18 1.62
N ARG C 160 11.89 -19.42 1.76
CA ARG C 160 11.21 -20.57 1.18
C ARG C 160 10.74 -21.44 2.33
N PHE C 161 9.48 -21.86 2.27
CA PHE C 161 8.92 -22.82 3.22
C PHE C 161 8.80 -24.15 2.47
N TYR C 162 9.75 -25.04 2.71
CA TYR C 162 9.84 -26.31 2.02
C TYR C 162 8.98 -27.35 2.73
N LEU C 163 8.15 -28.06 1.95
CA LEU C 163 7.34 -29.14 2.50
C LEU C 163 8.09 -30.45 2.59
N ALA C 164 9.26 -30.58 1.96
CA ALA C 164 9.99 -31.84 1.93
C ALA C 164 11.48 -31.55 1.94
N GLY C 165 12.24 -32.56 2.31
CA GLY C 165 13.68 -32.46 2.30
C GLY C 165 14.24 -32.09 3.66
N ASN C 166 15.54 -31.84 3.66
CA ASN C 166 16.28 -31.59 4.89
C ASN C 166 17.49 -30.71 4.57
N HIS C 167 17.24 -29.59 3.91
CA HIS C 167 18.31 -28.75 3.38
C HIS C 167 18.10 -27.30 3.80
N GLU C 168 19.10 -26.47 3.51
CA GLU C 168 19.13 -25.07 3.90
C GLU C 168 18.29 -24.22 2.95
N GLN C 169 18.09 -22.97 3.35
CA GLN C 169 17.39 -22.00 2.53
C GLN C 169 18.22 -21.62 1.30
N GLU C 170 17.52 -21.33 0.20
CA GLU C 170 18.20 -20.83 -0.98
C GLU C 170 18.90 -19.52 -0.66
N PHE C 171 18.25 -18.68 0.15
CA PHE C 171 18.79 -17.38 0.52
C PHE C 171 19.17 -17.38 2.00
N LEU C 172 20.26 -18.10 2.32
CA LEU C 172 20.82 -18.02 3.67
C LEU C 172 21.91 -16.95 3.67
N ARG C 173 21.46 -15.70 3.68
CA ARG C 173 22.35 -14.55 3.76
C ARG C 173 21.59 -13.33 4.26
N GLY C 186 19.07 -26.84 8.46
CA GLY C 186 17.75 -26.50 7.99
C GLY C 186 16.71 -27.56 8.30
N GLY C 187 15.83 -27.82 7.33
CA GLY C 187 14.72 -28.72 7.53
C GLY C 187 13.46 -28.27 6.81
N ASN C 188 12.48 -29.15 6.72
CA ASN C 188 11.23 -28.84 6.05
C ASN C 188 10.19 -28.41 7.09
N ILE C 189 9.01 -28.02 6.61
CA ILE C 189 8.01 -27.41 7.48
C ILE C 189 7.52 -28.40 8.54
N PHE C 190 7.56 -29.70 8.25
CA PHE C 190 7.02 -30.70 9.16
C PHE C 190 8.01 -31.10 10.24
N SER C 191 9.31 -30.87 10.04
CA SER C 191 10.31 -31.32 10.99
C SER C 191 10.30 -30.51 12.28
N GLY C 192 9.68 -29.33 12.27
CA GLY C 192 9.54 -28.54 13.49
C GLY C 192 8.45 -28.99 14.44
N PHE C 193 7.59 -29.91 14.00
CA PHE C 193 6.52 -30.42 14.83
C PHE C 193 6.94 -31.71 15.54
N LYS C 194 6.33 -31.95 16.70
CA LYS C 194 6.59 -33.17 17.44
C LYS C 194 5.99 -34.38 16.73
N ARG C 195 6.72 -35.49 16.76
CA ARG C 195 6.28 -36.68 16.03
C ARG C 195 5.00 -37.25 16.61
N ASP C 196 4.86 -37.29 17.93
CA ASP C 196 3.65 -37.87 18.51
C ASP C 196 2.42 -37.09 18.06
N PHE C 197 2.57 -35.77 17.87
CA PHE C 197 1.47 -34.99 17.31
C PHE C 197 1.16 -35.41 15.89
N LEU C 198 2.18 -35.48 15.03
CA LEU C 198 1.95 -35.83 13.63
C LEU C 198 1.38 -37.24 13.50
N GLU C 199 1.82 -38.17 14.35
CA GLU C 199 1.27 -39.52 14.29
C GLU C 199 -0.23 -39.51 14.61
N ASP C 200 -0.63 -38.78 15.64
CA ASP C 200 -2.04 -38.71 15.99
C ASP C 200 -2.84 -38.01 14.90
N ALA C 201 -2.34 -36.86 14.42
CA ALA C 201 -3.07 -36.11 13.42
C ALA C 201 -3.24 -36.90 12.13
N LEU C 202 -2.19 -37.63 11.72
CA LEU C 202 -2.22 -38.38 10.47
C LEU C 202 -2.69 -39.81 10.63
N ASN C 203 -2.66 -40.35 11.83
CA ASN C 203 -2.98 -41.77 12.05
C ASN C 203 -2.09 -42.66 11.19
N VAL C 204 -0.77 -42.41 11.27
CA VAL C 204 0.23 -43.21 10.56
C VAL C 204 1.34 -43.57 11.54
N ASN C 205 2.11 -44.59 11.19
CA ASN C 205 3.16 -45.08 12.06
C ASN C 205 4.36 -44.14 12.05
N ARG C 206 5.31 -44.40 12.96
CA ARG C 206 6.46 -43.52 13.14
C ARG C 206 7.36 -43.50 11.92
N ARG C 207 7.39 -44.56 11.12
CA ARG C 207 8.30 -44.59 9.98
C ARG C 207 7.83 -43.64 8.88
N ILE C 208 6.52 -43.50 8.69
CA ILE C 208 6.02 -42.54 7.71
C ILE C 208 6.29 -41.12 8.17
N VAL C 209 6.16 -40.86 9.47
CA VAL C 209 6.38 -39.50 9.99
C VAL C 209 7.85 -39.12 9.89
N ASN C 210 8.75 -40.07 10.11
CA ASN C 210 10.18 -39.77 10.00
C ASN C 210 10.54 -39.40 8.57
N LYS C 211 9.94 -40.07 7.59
CA LYS C 211 10.16 -39.69 6.20
C LYS C 211 9.55 -38.32 5.92
N LEU C 212 8.30 -38.11 6.36
CA LEU C 212 7.67 -36.81 6.23
C LEU C 212 8.59 -35.70 6.73
N GLN C 213 9.22 -35.92 7.88
CA GLN C 213 10.11 -34.91 8.47
C GLN C 213 11.49 -34.89 7.82
N GLY C 214 11.77 -35.79 6.88
CA GLY C 214 13.05 -35.82 6.20
C GLY C 214 14.18 -36.30 7.06
N ARG C 215 13.89 -37.16 8.05
CA ARG C 215 14.94 -37.79 8.85
C ARG C 215 15.81 -38.71 8.03
N ASN C 216 15.33 -39.14 6.86
CA ASN C 216 16.00 -40.13 6.04
C ASN C 216 16.92 -39.51 5.00
N GLU C 217 17.33 -38.25 5.18
CA GLU C 217 17.95 -37.52 4.09
C GLU C 217 19.15 -36.73 4.56
N ASP C 218 20.28 -36.92 3.86
CA ASP C 218 21.44 -36.05 3.99
C ASP C 218 21.10 -34.64 3.54
N GLU C 219 21.73 -33.66 4.20
CA GLU C 219 21.44 -32.26 3.88
C GLU C 219 21.80 -31.91 2.44
N GLU C 220 22.55 -32.77 1.75
CA GLU C 220 23.02 -32.47 0.40
C GLU C 220 22.08 -32.92 -0.71
N LYS C 221 21.01 -33.65 -0.40
CA LYS C 221 20.05 -34.01 -1.45
C LYS C 221 19.48 -32.76 -2.10
N GLY C 222 19.02 -31.81 -1.28
CA GLY C 222 18.70 -30.47 -1.72
C GLY C 222 17.29 -30.32 -2.27
N ALA C 223 17.05 -29.15 -2.87
CA ALA C 223 15.71 -28.76 -3.29
C ALA C 223 15.26 -29.46 -4.57
N ILE C 224 16.19 -29.81 -5.45
CA ILE C 224 15.89 -30.48 -6.71
C ILE C 224 16.45 -31.89 -6.64
N VAL C 225 15.58 -32.90 -6.75
CA VAL C 225 15.97 -34.29 -6.57
C VAL C 225 15.72 -35.08 -7.85
N LYS C 226 16.50 -36.14 -8.02
CA LYS C 226 16.29 -37.08 -9.11
C LYS C 226 15.06 -37.94 -8.83
N VAL C 227 14.43 -38.40 -9.91
CA VAL C 227 13.36 -39.39 -9.84
C VAL C 227 13.69 -40.46 -10.88
N LYS C 228 14.17 -41.60 -10.41
CA LYS C 228 14.81 -42.58 -11.29
C LYS C 228 13.88 -42.99 -12.44
N GLY C 229 12.75 -43.61 -12.11
CA GLY C 229 11.88 -44.18 -13.12
C GLY C 229 11.07 -43.15 -13.89
N GLY C 230 11.40 -41.88 -13.74
CA GLY C 230 10.49 -40.85 -14.19
C GLY C 230 9.28 -40.78 -13.25
N LEU C 231 8.26 -40.07 -13.72
CA LEU C 231 7.09 -39.80 -12.90
C LEU C 231 5.83 -40.03 -13.71
N SER C 232 4.88 -40.75 -13.12
CA SER C 232 3.54 -40.93 -13.67
C SER C 232 2.57 -40.10 -12.84
N ILE C 233 1.97 -39.08 -13.47
CA ILE C 233 0.90 -38.30 -12.87
C ILE C 233 -0.29 -38.31 -13.81
N ILE C 234 -1.43 -37.87 -13.30
CA ILE C 234 -2.64 -37.77 -14.11
C ILE C 234 -2.51 -36.54 -15.00
N THR C 235 -2.41 -36.75 -16.31
CA THR C 235 -2.42 -35.66 -17.28
C THR C 235 -2.66 -36.26 -18.67
N PRO C 236 -3.31 -35.54 -19.59
CA PRO C 236 -3.67 -36.15 -20.88
C PRO C 236 -2.42 -36.44 -21.71
N PRO C 237 -2.52 -37.37 -22.68
CA PRO C 237 -1.38 -37.62 -23.59
C PRO C 237 -1.08 -36.43 -24.48
N ILE C 297 -10.67 -18.39 -9.41
CA ILE C 297 -11.07 -19.73 -8.98
C ILE C 297 -9.87 -20.67 -9.01
N CYS C 298 -10.13 -21.93 -8.64
CA CYS C 298 -9.05 -22.89 -8.42
C CYS C 298 -8.31 -23.23 -9.70
N THR C 299 -9.03 -23.33 -10.81
CA THR C 299 -8.45 -23.78 -12.08
C THR C 299 -8.12 -22.62 -13.01
N ALA C 300 -8.19 -21.38 -12.52
CA ALA C 300 -7.84 -20.23 -13.33
C ALA C 300 -6.45 -20.37 -13.92
N ARG C 301 -6.23 -19.71 -15.05
CA ARG C 301 -4.96 -19.80 -15.76
C ARG C 301 -3.91 -18.95 -15.06
N LEU C 302 -2.72 -19.51 -14.88
CA LEU C 302 -1.65 -18.84 -14.16
C LEU C 302 -0.37 -18.71 -14.97
N HIS C 303 -0.40 -19.10 -16.25
CA HIS C 303 0.78 -18.98 -17.09
C HIS C 303 0.37 -18.53 -18.48
N GLN C 304 1.32 -17.90 -19.16
CA GLN C 304 1.12 -17.44 -20.52
C GLN C 304 2.48 -17.37 -21.20
N ASN C 305 2.53 -17.83 -22.44
CA ASN C 305 3.78 -17.80 -23.19
C ASN C 305 3.94 -16.43 -23.83
N ILE C 306 5.09 -15.80 -23.61
CA ILE C 306 5.42 -14.52 -24.20
C ILE C 306 6.64 -14.61 -25.10
N GLY C 307 7.11 -15.83 -25.42
CA GLY C 307 8.29 -16.03 -26.22
C GLY C 307 8.04 -15.94 -27.71
N SER C 308 9.07 -16.35 -28.48
CA SER C 308 9.04 -16.20 -29.93
C SER C 308 7.83 -16.87 -30.56
N SER C 309 7.32 -17.95 -29.96
CA SER C 309 6.21 -18.66 -30.54
C SER C 309 4.89 -17.90 -30.42
N SER C 310 4.83 -16.90 -29.54
CA SER C 310 3.60 -16.16 -29.32
C SER C 310 3.48 -15.00 -30.32
N SER C 311 2.27 -14.46 -30.39
CA SER C 311 2.01 -13.31 -31.25
C SER C 311 2.43 -12.03 -30.53
N PRO C 312 3.35 -11.24 -31.08
CA PRO C 312 3.86 -10.08 -30.34
C PRO C 312 2.89 -8.91 -30.36
N ASP C 313 3.09 -8.01 -29.39
CA ASP C 313 2.34 -6.77 -29.33
C ASP C 313 2.89 -5.74 -30.29
N ILE C 314 4.21 -5.72 -30.47
CA ILE C 314 4.91 -4.76 -31.30
C ILE C 314 5.91 -5.55 -32.13
N TYR C 315 5.89 -5.34 -33.45
CA TYR C 315 6.74 -6.15 -34.33
C TYR C 315 7.16 -5.34 -35.55
N ASN C 316 8.45 -5.41 -35.86
CA ASN C 316 9.03 -4.88 -37.08
C ASN C 316 9.98 -5.94 -37.63
N PRO C 317 9.70 -6.52 -38.80
CA PRO C 317 10.51 -7.66 -39.27
C PRO C 317 11.98 -7.35 -39.49
N GLN C 318 12.38 -6.07 -39.50
CA GLN C 318 13.78 -5.70 -39.61
C GLN C 318 14.32 -5.02 -38.36
N ALA C 319 13.60 -5.11 -37.24
CA ALA C 319 14.08 -4.51 -36.00
C ALA C 319 13.93 -5.45 -34.80
N GLY C 320 12.75 -6.05 -34.63
CA GLY C 320 12.54 -6.97 -33.52
C GLY C 320 11.08 -7.02 -33.12
N ARG C 321 10.86 -7.40 -31.86
CA ARG C 321 9.51 -7.61 -31.35
C ARG C 321 9.48 -7.39 -29.84
N ILE C 322 8.28 -7.08 -29.34
CA ILE C 322 8.00 -7.00 -27.91
C ILE C 322 6.66 -7.67 -27.65
N LYS C 323 6.58 -8.38 -26.51
CA LYS C 323 5.34 -8.97 -26.03
C LYS C 323 5.34 -8.88 -24.52
N THR C 324 4.36 -8.17 -23.96
CA THR C 324 4.20 -8.04 -22.53
C THR C 324 2.98 -8.83 -22.07
N VAL C 325 3.13 -9.54 -20.97
CA VAL C 325 1.99 -10.15 -20.29
C VAL C 325 1.64 -9.25 -19.10
N THR C 326 0.39 -8.81 -19.07
CA THR C 326 -0.12 -7.91 -18.05
C THR C 326 -1.37 -8.53 -17.47
N SER C 327 -1.98 -7.82 -16.52
CA SER C 327 -3.27 -8.26 -16.02
C SER C 327 -4.38 -8.11 -17.05
N PHE C 328 -4.14 -7.41 -18.16
CA PHE C 328 -5.09 -7.42 -19.27
C PHE C 328 -5.06 -8.73 -20.04
N ASP C 329 -3.99 -9.52 -19.90
CA ASP C 329 -3.89 -10.83 -20.52
C ASP C 329 -4.12 -11.95 -19.52
N LEU C 330 -3.64 -11.76 -18.29
CA LEU C 330 -3.58 -12.84 -17.30
C LEU C 330 -4.11 -12.26 -15.98
N PRO C 331 -5.38 -12.47 -15.66
CA PRO C 331 -5.99 -11.75 -14.53
C PRO C 331 -5.32 -12.04 -13.20
N ALA C 332 -4.68 -13.21 -13.05
CA ALA C 332 -3.96 -13.50 -11.82
C ALA C 332 -2.95 -12.41 -11.50
N LEU C 333 -2.33 -11.82 -12.53
CA LEU C 333 -1.32 -10.80 -12.31
C LEU C 333 -1.87 -9.58 -11.60
N ARG C 334 -3.19 -9.36 -11.67
CA ARG C 334 -3.79 -8.27 -10.92
C ARG C 334 -3.60 -8.46 -9.42
N PHE C 335 -3.55 -9.72 -8.97
CA PHE C 335 -3.33 -9.99 -7.55
C PHE C 335 -1.85 -9.86 -7.19
N LEU C 336 -0.95 -10.32 -8.07
CA LEU C 336 0.48 -10.29 -7.79
C LEU C 336 1.08 -8.90 -7.94
N LYS C 337 0.46 -8.01 -8.71
CA LYS C 337 1.02 -6.70 -9.02
C LYS C 337 2.35 -6.84 -9.75
N LEU C 338 2.45 -7.83 -10.63
CA LEU C 338 3.67 -8.09 -11.39
C LEU C 338 3.33 -8.31 -12.86
N SER C 339 4.29 -7.99 -13.72
CA SER C 339 4.16 -8.26 -15.13
C SER C 339 5.53 -8.60 -15.70
N ALA C 340 5.57 -8.95 -16.97
CA ALA C 340 6.82 -9.29 -17.62
C ALA C 340 6.75 -8.87 -19.08
N GLU C 341 7.91 -8.51 -19.62
CA GLU C 341 8.05 -8.10 -21.00
C GLU C 341 9.13 -8.94 -21.65
N PHE C 342 8.79 -9.58 -22.77
CA PHE C 342 9.77 -10.27 -23.59
C PHE C 342 10.06 -9.44 -24.84
N GLY C 343 11.32 -9.35 -25.19
CA GLY C 343 11.72 -8.60 -26.36
C GLY C 343 12.86 -9.28 -27.08
N SER C 344 12.94 -9.02 -28.38
CA SER C 344 13.97 -9.55 -29.24
C SER C 344 14.38 -8.44 -30.19
N LEU C 345 15.68 -8.21 -30.32
CA LEU C 345 16.21 -7.08 -31.06
C LEU C 345 17.22 -7.56 -32.09
N HIS C 346 17.01 -7.20 -33.35
CA HIS C 346 17.89 -7.62 -34.42
C HIS C 346 19.22 -6.88 -34.35
N LYS C 347 20.25 -7.48 -34.94
CA LYS C 347 21.60 -6.92 -34.87
C LYS C 347 21.58 -5.48 -35.34
N ASN C 348 22.17 -4.59 -34.54
CA ASN C 348 22.28 -3.17 -34.82
C ASN C 348 20.95 -2.45 -34.78
N ALA C 349 19.84 -3.14 -34.51
CA ALA C 349 18.57 -2.49 -34.27
C ALA C 349 18.59 -1.83 -32.90
N MET C 350 17.67 -0.90 -32.69
CA MET C 350 17.65 -0.11 -31.47
C MET C 350 16.26 -0.03 -30.87
N PHE C 351 16.25 0.26 -29.57
CA PHE C 351 15.08 0.79 -28.87
C PHE C 351 15.25 2.28 -28.68
N VAL C 352 14.21 3.04 -28.98
CA VAL C 352 14.28 4.48 -28.74
C VAL C 352 14.39 4.66 -27.23
N PRO C 353 14.91 5.78 -26.74
CA PRO C 353 14.92 6.00 -25.29
C PRO C 353 13.51 6.03 -24.73
N HIS C 354 13.32 5.33 -23.62
CA HIS C 354 12.00 5.22 -23.00
C HIS C 354 12.19 4.99 -21.51
N TYR C 355 11.09 5.13 -20.76
CA TYR C 355 11.12 4.94 -19.32
C TYR C 355 9.81 4.32 -18.90
N ASN C 356 9.85 3.64 -17.74
CA ASN C 356 8.65 3.07 -17.14
C ASN C 356 8.06 4.09 -16.17
N LEU C 357 6.80 4.47 -16.41
CA LEU C 357 6.14 5.45 -15.56
C LEU C 357 5.96 4.93 -14.14
N ASN C 358 5.67 3.64 -13.99
CA ASN C 358 5.02 3.16 -12.77
C ASN C 358 5.59 1.81 -12.33
N ALA C 359 6.87 1.55 -12.59
CA ALA C 359 7.42 0.27 -12.20
C ALA C 359 8.94 0.32 -12.24
N ASN C 360 9.55 -0.51 -11.40
CA ASN C 360 10.94 -0.89 -11.54
C ASN C 360 11.01 -2.11 -12.46
N SER C 361 12.06 -2.19 -13.27
CA SER C 361 12.25 -3.31 -14.18
C SER C 361 13.51 -4.08 -13.79
N ILE C 362 13.42 -5.40 -13.81
CA ILE C 362 14.57 -6.26 -13.63
C ILE C 362 14.82 -6.91 -14.98
N LEU C 363 15.82 -6.39 -15.68
CA LEU C 363 16.16 -6.83 -17.03
C LEU C 363 17.08 -8.03 -16.95
N TYR C 364 16.65 -9.17 -17.50
CA TYR C 364 17.45 -10.39 -17.52
C TYR C 364 17.65 -10.83 -18.97
N ALA C 365 18.90 -10.81 -19.41
CA ALA C 365 19.22 -11.18 -20.79
C ALA C 365 19.10 -12.68 -21.01
N LEU C 366 18.51 -13.07 -22.13
CA LEU C 366 18.29 -14.47 -22.46
C LEU C 366 19.25 -14.96 -23.54
N LYS C 367 19.64 -14.10 -24.46
CA LYS C 367 20.32 -14.54 -25.67
C LYS C 367 21.09 -13.36 -26.26
N GLY C 368 22.35 -13.60 -26.64
CA GLY C 368 23.14 -12.57 -27.26
C GLY C 368 23.54 -11.49 -26.27
N ARG C 369 23.84 -10.31 -26.82
CA ARG C 369 24.20 -9.17 -25.98
C ARG C 369 23.76 -7.89 -26.66
N ALA C 370 23.74 -6.81 -25.87
CA ALA C 370 23.33 -5.52 -26.36
C ALA C 370 24.03 -4.45 -25.54
N ARG C 371 24.21 -3.29 -26.15
CA ARG C 371 24.74 -2.12 -25.46
C ARG C 371 23.57 -1.30 -24.94
N LEU C 372 23.47 -1.16 -23.63
CA LEU C 372 22.39 -0.44 -22.98
C LEU C 372 22.90 0.86 -22.38
N GLN C 373 22.05 1.88 -22.40
CA GLN C 373 22.35 3.17 -21.77
C GLN C 373 21.18 3.54 -20.86
N ILE C 374 21.47 3.78 -19.59
CA ILE C 374 20.48 4.16 -18.59
C ILE C 374 20.92 5.48 -17.98
N VAL C 375 20.01 6.44 -17.91
CA VAL C 375 20.32 7.76 -17.38
C VAL C 375 19.28 8.13 -16.32
N ASN C 376 19.74 8.82 -15.28
CA ASN C 376 18.93 9.15 -14.12
C ASN C 376 18.40 10.57 -14.22
N CYS C 377 17.91 11.11 -13.10
CA CYS C 377 17.26 12.40 -13.12
C CYS C 377 18.25 13.55 -13.28
N LYS C 378 19.54 13.33 -12.98
CA LYS C 378 20.51 14.39 -13.18
C LYS C 378 20.97 14.50 -14.62
N GLY C 379 20.46 13.66 -15.52
CA GLY C 379 20.98 13.60 -16.87
C GLY C 379 22.30 12.88 -16.99
N ASN C 380 22.67 12.09 -15.99
CA ASN C 380 23.92 11.35 -15.96
C ASN C 380 23.70 9.93 -16.45
N SER C 381 24.65 9.41 -17.22
CA SER C 381 24.70 7.99 -17.55
C SER C 381 25.06 7.21 -16.31
N VAL C 382 24.13 6.38 -15.81
CA VAL C 382 24.43 5.46 -14.71
C VAL C 382 24.79 4.07 -15.22
N PHE C 383 24.66 3.82 -16.52
CA PHE C 383 25.14 2.58 -17.12
C PHE C 383 25.30 2.81 -18.61
N ASP C 384 26.45 2.40 -19.13
CA ASP C 384 26.68 2.35 -20.58
C ASP C 384 27.66 1.20 -20.82
N GLY C 385 27.16 0.13 -21.41
CA GLY C 385 27.95 -1.08 -21.53
C GLY C 385 27.11 -2.22 -22.04
N GLU C 386 27.70 -3.42 -22.01
CA GLU C 386 27.07 -4.60 -22.56
C GLU C 386 26.27 -5.34 -21.50
N LEU C 387 25.10 -5.84 -21.90
CA LEU C 387 24.34 -6.81 -21.13
C LEU C 387 24.28 -8.09 -21.96
N GLU C 388 24.86 -9.16 -21.42
CA GLU C 388 24.95 -10.42 -22.14
C GLU C 388 24.08 -11.48 -21.47
N ALA C 389 23.72 -12.48 -22.25
CA ALA C 389 22.85 -13.56 -21.78
C ALA C 389 23.30 -14.08 -20.43
N GLY C 390 22.33 -14.24 -19.52
CA GLY C 390 22.57 -14.81 -18.21
C GLY C 390 22.75 -13.80 -17.10
N ARG C 391 22.74 -12.50 -17.40
CA ARG C 391 22.99 -11.47 -16.41
C ARG C 391 21.78 -10.55 -16.27
N ALA C 392 21.69 -9.91 -15.11
CA ALA C 392 20.56 -9.07 -14.76
C ALA C 392 21.00 -7.63 -14.61
N LEU C 393 20.08 -6.71 -14.92
CA LEU C 393 20.31 -5.28 -14.79
C LEU C 393 19.00 -4.62 -14.37
N ILE C 394 19.05 -3.81 -13.32
CA ILE C 394 17.88 -3.11 -12.82
C ILE C 394 17.74 -1.78 -13.55
N VAL C 395 16.54 -1.51 -14.06
CA VAL C 395 16.16 -0.21 -14.60
C VAL C 395 15.18 0.42 -13.61
N PRO C 396 15.59 1.38 -12.78
CA PRO C 396 14.65 1.97 -11.83
C PRO C 396 13.55 2.74 -12.53
N GLN C 397 12.40 2.83 -11.85
CA GLN C 397 11.28 3.63 -12.32
C GLN C 397 11.75 5.00 -12.79
N ASN C 398 11.25 5.42 -13.95
CA ASN C 398 11.43 6.77 -14.49
C ASN C 398 12.83 7.00 -15.06
N PHE C 399 13.79 6.13 -14.75
CA PHE C 399 15.09 6.21 -15.43
C PHE C 399 14.90 5.89 -16.91
N ALA C 400 15.49 6.72 -17.76
CA ALA C 400 15.40 6.48 -19.20
C ALA C 400 16.42 5.43 -19.63
N ILE C 401 16.04 4.63 -20.63
CA ILE C 401 16.90 3.55 -21.11
C ILE C 401 16.77 3.44 -22.62
N ALA C 402 17.88 3.08 -23.25
CA ALA C 402 17.94 2.81 -24.68
C ALA C 402 18.91 1.65 -24.91
N ALA C 403 18.79 1.02 -26.08
CA ALA C 403 19.53 -0.20 -26.34
C ALA C 403 19.89 -0.32 -27.82
N LYS C 404 20.98 -1.02 -28.09
CA LYS C 404 21.37 -1.41 -29.43
C LYS C 404 21.87 -2.84 -29.40
N SER C 405 21.30 -3.69 -30.24
CA SER C 405 21.68 -5.10 -30.27
C SER C 405 23.03 -5.28 -30.95
N LEU C 406 23.85 -6.16 -30.38
CA LEU C 406 25.15 -6.51 -30.96
C LEU C 406 25.19 -7.94 -31.48
N SER C 407 24.03 -8.57 -31.64
CA SER C 407 23.96 -9.97 -32.03
C SER C 407 22.83 -10.16 -33.04
N ASP C 408 22.88 -11.30 -33.73
CA ASP C 408 21.78 -11.66 -34.64
C ASP C 408 20.43 -11.46 -33.96
N ARG C 409 20.29 -11.97 -32.74
CA ARG C 409 19.11 -11.72 -31.92
C ARG C 409 19.56 -11.47 -30.50
N PHE C 410 19.35 -10.25 -30.01
CA PHE C 410 19.38 -10.00 -28.57
C PHE C 410 17.96 -10.13 -28.04
N SER C 411 17.79 -10.97 -27.03
CA SER C 411 16.48 -11.17 -26.44
C SER C 411 16.63 -11.17 -24.93
N TYR C 412 15.55 -10.75 -24.26
CA TYR C 412 15.57 -10.51 -22.84
C TYR C 412 14.15 -10.75 -22.31
N VAL C 413 14.07 -10.87 -20.99
CA VAL C 413 12.80 -10.79 -20.28
C VAL C 413 12.98 -9.75 -19.19
N ALA C 414 12.03 -8.82 -19.10
CA ALA C 414 12.03 -7.76 -18.10
C ALA C 414 10.86 -8.01 -17.15
N PHE C 415 11.18 -8.35 -15.89
CA PHE C 415 10.18 -8.40 -14.85
C PHE C 415 9.92 -6.99 -14.34
N LYS C 416 8.65 -6.66 -14.12
CA LYS C 416 8.28 -5.31 -13.72
C LYS C 416 7.36 -5.34 -12.51
N THR C 417 7.62 -4.44 -11.56
CA THR C 417 6.90 -4.40 -10.30
C THR C 417 5.58 -3.64 -10.45
N ASN C 418 4.76 -4.05 -11.40
CA ASN C 418 3.42 -3.50 -11.61
C ASN C 418 2.70 -4.38 -12.63
N ASP C 419 1.47 -4.80 -12.32
CA ASP C 419 0.73 -5.66 -13.25
C ASP C 419 0.34 -4.94 -14.53
N ARG C 420 0.44 -3.61 -14.57
CA ARG C 420 0.10 -2.82 -15.73
C ARG C 420 1.18 -1.74 -15.91
N ALA C 421 2.40 -2.18 -16.20
CA ALA C 421 3.51 -1.26 -16.36
C ALA C 421 3.37 -0.51 -17.68
N ALA C 422 3.51 0.82 -17.61
CA ALA C 422 3.37 1.68 -18.78
C ALA C 422 4.72 2.26 -19.19
N ILE C 423 4.97 2.27 -20.49
CA ILE C 423 6.21 2.76 -21.08
C ILE C 423 5.95 4.12 -21.71
N GLY C 424 6.83 5.08 -21.39
CA GLY C 424 6.85 6.36 -22.06
C GLY C 424 8.02 6.44 -23.03
N ARG C 425 7.70 6.59 -24.30
CA ARG C 425 8.73 6.72 -25.34
C ARG C 425 9.08 8.20 -25.49
N LEU C 426 10.35 8.52 -25.30
CA LEU C 426 10.80 9.91 -25.36
C LEU C 426 10.98 10.39 -26.79
N LEU C 427 11.35 9.52 -27.71
CA LEU C 427 11.51 9.86 -29.11
C LEU C 427 10.80 8.82 -29.97
N GLY C 428 10.46 9.24 -31.19
CA GLY C 428 9.79 8.38 -32.15
C GLY C 428 8.42 8.91 -32.51
N ALA C 429 7.77 8.18 -33.41
CA ALA C 429 6.44 8.59 -33.88
C ALA C 429 5.44 8.54 -32.74
N SER C 430 4.69 9.64 -32.58
CA SER C 430 3.73 9.78 -31.49
C SER C 430 4.38 9.58 -30.12
N SER C 431 5.66 9.89 -30.02
CA SER C 431 6.39 9.83 -28.76
C SER C 431 6.00 11.03 -27.90
N LEU C 432 6.58 11.10 -26.70
CA LEU C 432 6.26 12.20 -25.81
C LEU C 432 6.73 13.54 -26.37
N ILE C 433 7.83 13.55 -27.10
CA ILE C 433 8.27 14.78 -27.76
C ILE C 433 7.36 15.13 -28.92
N ASN C 434 6.93 14.12 -29.69
CA ASN C 434 6.02 14.38 -30.80
C ASN C 434 4.65 14.85 -30.30
N GLY C 435 4.29 14.56 -29.06
CA GLY C 435 3.04 15.02 -28.48
C GLY C 435 3.05 16.45 -28.00
N MET C 436 4.21 17.15 -28.08
CA MET C 436 4.32 18.57 -27.72
C MET C 436 4.14 19.44 -28.96
N PRO C 437 3.55 20.62 -28.84
CA PRO C 437 3.48 21.54 -29.99
C PRO C 437 4.87 21.84 -30.52
N GLU C 438 4.99 21.96 -31.84
CA GLU C 438 6.30 22.15 -32.46
C GLU C 438 7.00 23.38 -31.90
N GLU C 439 6.27 24.48 -31.73
CA GLU C 439 6.89 25.69 -31.21
C GLU C 439 7.21 25.57 -29.72
N VAL C 440 6.55 24.65 -29.01
CA VAL C 440 7.00 24.32 -27.65
C VAL C 440 8.31 23.56 -27.70
N VAL C 441 8.43 22.62 -28.64
CA VAL C 441 9.70 21.91 -28.84
C VAL C 441 10.79 22.90 -29.19
N ALA C 442 10.51 23.79 -30.15
CA ALA C 442 11.52 24.76 -30.57
C ALA C 442 11.99 25.60 -29.39
N ALA C 443 11.05 26.17 -28.62
CA ALA C 443 11.43 27.02 -27.51
C ALA C 443 12.16 26.23 -26.43
N ALA C 444 11.73 25.00 -26.16
CA ALA C 444 12.34 24.23 -25.08
C ALA C 444 13.81 23.94 -25.37
N PHE C 445 14.14 23.58 -26.61
CA PHE C 445 15.49 23.19 -26.98
C PHE C 445 16.23 24.28 -27.75
N ASN C 446 15.64 25.47 -27.88
CA ASN C 446 16.22 26.55 -28.67
C ASN C 446 16.59 26.06 -30.07
N MET C 447 15.60 25.49 -30.74
CA MET C 447 15.75 24.94 -32.07
C MET C 447 15.01 25.79 -33.09
N GLU C 448 15.48 25.75 -34.33
CA GLU C 448 14.69 26.29 -35.43
C GLU C 448 13.43 25.45 -35.62
N ARG C 449 12.39 26.08 -36.18
CA ARG C 449 11.16 25.36 -36.45
C ARG C 449 11.45 24.10 -37.26
N ASN C 450 12.28 24.23 -38.30
CA ASN C 450 12.59 23.08 -39.16
C ASN C 450 13.40 22.03 -38.41
N GLU C 451 14.20 22.43 -37.42
CA GLU C 451 14.94 21.46 -36.63
C GLU C 451 14.02 20.66 -35.72
N ALA C 452 13.00 21.32 -35.15
CA ALA C 452 12.03 20.61 -34.34
C ALA C 452 11.25 19.58 -35.17
N ARG C 453 10.89 19.95 -36.40
CA ARG C 453 10.17 19.01 -37.27
C ARG C 453 11.04 17.80 -37.61
N GLN C 454 12.33 18.02 -37.85
CA GLN C 454 13.21 16.88 -38.11
C GLN C 454 13.30 15.98 -36.88
N LEU C 455 13.42 16.58 -35.69
CA LEU C 455 13.42 15.81 -34.46
C LEU C 455 12.21 14.90 -34.37
N LYS C 456 11.05 15.39 -34.80
CA LYS C 456 9.82 14.60 -34.72
C LYS C 456 9.75 13.55 -35.82
N PHE C 457 10.11 13.92 -37.06
CA PHE C 457 9.64 13.20 -38.23
C PHE C 457 10.73 12.65 -39.14
N ASN C 458 12.01 12.84 -38.82
CA ASN C 458 13.05 12.25 -39.65
C ASN C 458 13.01 10.73 -39.58
N SER C 459 12.79 10.17 -38.39
CA SER C 459 12.59 8.73 -38.25
C SER C 459 11.11 8.41 -38.14
N PRO C 460 10.56 7.52 -38.96
CA PRO C 460 9.12 7.23 -38.91
C PRO C 460 8.70 6.15 -37.92
N PHE C 461 9.64 5.54 -37.21
CA PHE C 461 9.34 4.36 -36.41
C PHE C 461 8.94 4.74 -34.99
N SER C 462 8.13 3.87 -34.37
CA SER C 462 7.57 4.14 -33.05
C SER C 462 8.55 3.80 -31.93
N PHE C 463 8.88 2.52 -31.80
CA PHE C 463 9.67 2.01 -30.69
C PHE C 463 10.92 1.29 -31.15
N LEU C 464 10.79 0.42 -32.15
CA LEU C 464 11.92 -0.31 -32.72
C LEU C 464 12.46 0.43 -33.94
N VAL C 465 13.78 0.53 -34.01
CA VAL C 465 14.46 1.25 -35.08
C VAL C 465 15.35 0.28 -35.83
N PRO C 466 15.12 0.02 -37.12
CA PRO C 466 16.02 -0.87 -37.88
C PRO C 466 17.40 -0.25 -37.99
N PRO C 467 18.42 -1.05 -38.31
CA PRO C 467 19.77 -0.48 -38.42
C PRO C 467 19.85 0.56 -39.52
N ARG C 468 20.75 1.51 -39.34
CA ARG C 468 21.11 2.47 -40.39
C ARG C 468 19.88 3.10 -41.03
#